data_2GJV
#
_entry.id   2GJV
#
_cell.length_a   134.137
_cell.length_b   76.995
_cell.length_c   85.112
_cell.angle_alpha   90.00
_cell.angle_beta   109.25
_cell.angle_gamma   90.00
#
_symmetry.space_group_name_H-M   'C 1 2 1'
#
loop_
_entity.id
_entity.type
_entity.pdbx_description
1 polymer 'putative cytoplasmic protein'
2 non-polymer 'CHLORIDE ION'
3 non-polymer 'CALCIUM ION'
4 water water
#
_entity_poly.entity_id   1
_entity_poly.type   'polypeptide(L)'
_entity_poly.pdbx_seq_one_letter_code
;MHHHHHHSSGVDLGTENLYFQSNAMETLSVIHTVANRLRELNPDMDIHISSTDAKVYIPTGQQVTVLIHYCGSVFAEPEN
TDATVQKQLIRISATVIVPQISDAINALDRLRRSLGGIELPDCDRPLWLESEKYIGDAANFCRYALDMTASTLFIAEQES
KDSPLLTIVNYEEIQ
;
_entity_poly.pdbx_strand_id   A,B,C,D,E,F
#
# COMPACT_ATOMS: atom_id res chain seq x y z
N ASN A 23 30.70 26.54 -2.30
CA ASN A 23 29.45 27.10 -1.73
C ASN A 23 28.35 26.04 -1.61
N ALA A 24 27.58 26.12 -0.53
CA ALA A 24 26.48 25.20 -0.33
C ALA A 24 25.32 25.62 -1.20
N MET A 25 24.47 24.67 -1.58
CA MET A 25 23.32 24.95 -2.38
C MET A 25 22.23 25.67 -1.57
N GLU A 26 21.58 26.65 -2.21
CA GLU A 26 20.44 27.34 -1.65
C GLU A 26 19.27 26.82 -2.47
N THR A 27 18.41 26.05 -1.84
CA THR A 27 17.28 25.41 -2.52
C THR A 27 16.50 26.38 -3.40
N LEU A 28 16.29 27.59 -2.89
CA LEU A 28 15.49 28.55 -3.64
C LEU A 28 16.19 28.97 -4.92
N SER A 29 17.51 29.12 -4.86
CA SER A 29 18.29 29.44 -6.07
C SER A 29 18.12 28.38 -7.17
N VAL A 30 18.16 27.09 -6.82
CA VAL A 30 17.96 26.00 -7.78
C VAL A 30 16.57 26.15 -8.43
N ILE A 31 15.58 26.40 -7.59
CA ILE A 31 14.21 26.62 -8.03
C ILE A 31 14.12 27.82 -8.98
N HIS A 32 14.80 28.92 -8.65
CA HIS A 32 14.81 30.11 -9.51
C HIS A 32 15.53 29.90 -10.84
N THR A 33 16.57 29.08 -10.80
CA THR A 33 17.32 28.74 -12.00
C THR A 33 16.39 28.05 -12.99
N VAL A 34 15.67 27.03 -12.53
CA VAL A 34 14.73 26.28 -13.37
C VAL A 34 13.69 27.27 -13.95
N ALA A 35 13.10 28.11 -13.08
CA ALA A 35 12.09 29.09 -13.49
C ALA A 35 12.62 30.11 -14.48
N ASN A 36 13.81 30.63 -14.23
CA ASN A 36 14.39 31.61 -15.13
C ASN A 36 14.76 31.01 -16.50
N ARG A 37 15.32 29.80 -16.53
CA ARG A 37 15.70 29.17 -17.81
C ARG A 37 14.44 28.99 -18.65
N LEU A 38 13.36 28.67 -17.97
CA LEU A 38 12.10 28.42 -18.61
C LEU A 38 11.57 29.72 -19.18
N ARG A 39 11.65 30.81 -18.41
CA ARG A 39 11.21 32.12 -18.92
C ARG A 39 12.03 32.59 -20.13
N GLU A 40 13.34 32.37 -20.08
CA GLU A 40 14.24 32.78 -21.16
C GLU A 40 13.98 32.04 -22.48
N LEU A 41 13.76 30.73 -22.40
CA LEU A 41 13.51 29.92 -23.60
C LEU A 41 12.05 29.98 -24.03
N ASN A 42 11.17 30.43 -23.14
CA ASN A 42 9.74 30.49 -23.41
C ASN A 42 9.18 31.81 -22.92
N PRO A 43 9.54 32.93 -23.58
CA PRO A 43 9.06 34.27 -23.15
C PRO A 43 7.55 34.45 -23.10
N ASP A 44 6.79 33.62 -23.80
CA ASP A 44 5.34 33.74 -23.76
C ASP A 44 4.63 32.74 -22.83
N MET A 45 5.36 32.24 -21.84
CA MET A 45 4.77 31.38 -20.82
C MET A 45 4.76 32.12 -19.50
N ASP A 46 3.70 31.93 -18.72
CA ASP A 46 3.62 32.50 -17.39
C ASP A 46 4.17 31.47 -16.39
N ILE A 47 5.33 31.79 -15.84
CA ILE A 47 6.01 30.86 -14.95
C ILE A 47 5.90 31.34 -13.51
N HIS A 48 5.42 30.47 -12.64
CA HIS A 48 5.28 30.84 -11.23
C HIS A 48 5.89 29.85 -10.28
N ILE A 49 6.22 30.36 -9.11
CA ILE A 49 6.65 29.60 -7.94
C ILE A 49 5.55 29.95 -6.94
N SER A 50 4.54 29.09 -6.88
CA SER A 50 3.32 29.33 -6.11
C SER A 50 3.20 28.53 -4.81
N SER A 51 2.38 29.07 -3.90
CA SER A 51 2.06 28.42 -2.64
C SER A 51 0.85 27.50 -2.82
N THR A 52 0.18 27.63 -3.95
CA THR A 52 -0.99 26.83 -4.30
C THR A 52 -0.59 25.57 -5.04
N ASP A 53 -1.25 24.46 -4.74
CA ASP A 53 -0.99 23.19 -5.40
C ASP A 53 -1.39 23.36 -6.87
N ALA A 54 -0.56 22.86 -7.75
CA ALA A 54 -0.78 22.90 -9.21
C ALA A 54 -1.99 22.08 -9.69
N LYS A 55 -2.49 21.21 -8.81
CA LYS A 55 -3.64 20.37 -9.12
C LYS A 55 -4.92 21.21 -9.17
N VAL A 56 -4.90 22.35 -8.46
CA VAL A 56 -6.07 23.20 -8.32
C VAL A 56 -5.85 24.66 -8.76
N TYR A 57 -4.59 25.06 -8.85
CA TYR A 57 -4.24 26.43 -9.23
C TYR A 57 -4.96 26.92 -10.51
N ILE A 58 -5.49 28.13 -10.45
CA ILE A 58 -6.16 28.76 -11.60
C ILE A 58 -5.29 29.86 -12.24
N PRO A 59 -4.85 29.65 -13.49
CA PRO A 59 -4.08 30.71 -14.18
C PRO A 59 -4.95 31.91 -14.53
N THR A 60 -4.38 33.11 -14.38
CA THR A 60 -5.05 34.38 -14.65
C THR A 60 -4.68 35.00 -15.99
N GLY A 61 -3.48 34.69 -16.48
CA GLY A 61 -2.98 35.27 -17.72
C GLY A 61 -3.49 34.60 -18.99
N GLN A 62 -3.26 35.23 -20.12
CA GLN A 62 -3.73 34.64 -21.37
C GLN A 62 -2.69 33.69 -22.01
N GLN A 63 -1.61 33.43 -21.29
CA GLN A 63 -0.52 32.59 -21.77
C GLN A 63 -0.51 31.21 -21.10
N VAL A 64 0.26 30.28 -21.66
CA VAL A 64 0.44 28.93 -21.13
C VAL A 64 1.12 29.09 -19.77
N THR A 65 0.56 28.47 -18.74
CA THR A 65 1.03 28.60 -17.35
C THR A 65 1.78 27.37 -16.81
N VAL A 66 2.93 27.59 -16.18
CA VAL A 66 3.72 26.52 -15.61
C VAL A 66 4.08 26.88 -14.19
N LEU A 67 3.83 25.95 -13.26
CA LEU A 67 4.16 26.14 -11.87
C LEU A 67 5.35 25.28 -11.46
N ILE A 68 6.34 25.91 -10.83
CA ILE A 68 7.53 25.22 -10.37
C ILE A 68 7.35 24.92 -8.89
N HIS A 69 7.63 23.68 -8.48
CA HIS A 69 7.46 23.26 -7.08
C HIS A 69 8.60 22.38 -6.56
N TYR A 70 9.09 22.69 -5.37
CA TYR A 70 10.11 21.88 -4.73
C TYR A 70 9.39 20.78 -3.96
N CYS A 71 9.60 19.54 -4.39
CA CYS A 71 8.94 18.40 -3.77
C CYS A 71 9.58 17.94 -2.45
N GLY A 72 10.90 17.93 -2.41
CA GLY A 72 11.63 17.54 -1.22
C GLY A 72 12.97 16.90 -1.56
N SER A 73 13.62 16.32 -0.56
CA SER A 73 14.89 15.63 -0.77
C SER A 73 14.98 14.37 0.09
N VAL A 74 15.85 13.48 -0.34
CA VAL A 74 16.16 12.29 0.43
C VAL A 74 17.66 12.45 0.60
N PHE A 75 18.14 12.18 1.82
CA PHE A 75 19.56 12.29 2.16
C PHE A 75 20.11 10.93 2.48
N ALA A 76 21.20 10.57 1.81
CA ALA A 76 21.86 9.29 2.07
C ALA A 76 22.72 9.46 3.31
N GLU A 77 22.96 8.36 3.99
CA GLU A 77 23.82 8.35 5.16
C GLU A 77 25.22 8.75 4.73
N PRO A 78 26.01 9.31 5.67
CA PRO A 78 27.44 9.53 5.37
C PRO A 78 28.10 8.16 5.13
N GLU A 79 28.84 8.06 4.03
CA GLU A 79 29.46 6.80 3.61
C GLU A 79 30.68 6.35 4.39
N ASN A 80 30.47 5.97 5.65
CA ASN A 80 31.52 5.51 6.55
C ASN A 80 32.61 6.57 6.72
N THR A 81 32.20 7.80 7.01
CA THR A 81 33.15 8.90 7.15
C THR A 81 33.12 9.59 8.51
N ASP A 82 34.27 10.17 8.88
CA ASP A 82 34.41 10.96 10.11
C ASP A 82 33.62 12.25 10.05
N ALA A 83 33.43 12.75 8.83
CA ALA A 83 32.72 14.00 8.61
C ALA A 83 31.26 13.73 8.25
N THR A 84 30.35 14.55 8.78
CA THR A 84 28.95 14.44 8.43
C THR A 84 28.78 15.18 7.12
N VAL A 85 28.79 14.39 6.05
CA VAL A 85 28.69 14.82 4.67
C VAL A 85 27.65 13.88 4.05
N GLN A 86 26.59 14.42 3.44
CA GLN A 86 25.56 13.54 2.91
C GLN A 86 25.15 13.86 1.48
N LYS A 87 25.01 12.83 0.67
CA LYS A 87 24.55 12.99 -0.71
C LYS A 87 23.05 13.27 -0.67
N GLN A 88 22.64 14.31 -1.39
CA GLN A 88 21.26 14.77 -1.40
C GLN A 88 20.66 14.72 -2.79
N LEU A 89 19.51 14.05 -2.91
CA LEU A 89 18.79 13.96 -4.18
C LEU A 89 17.54 14.83 -4.05
N ILE A 90 17.50 15.87 -4.86
CA ILE A 90 16.48 16.89 -4.87
C ILE A 90 15.38 16.60 -5.89
N ARG A 91 14.12 16.75 -5.48
CA ARG A 91 12.98 16.56 -6.39
C ARG A 91 12.23 17.86 -6.67
N ILE A 92 12.07 18.12 -7.97
CA ILE A 92 11.45 19.34 -8.47
C ILE A 92 10.42 19.00 -9.53
N SER A 93 9.26 19.66 -9.48
CA SER A 93 8.25 19.45 -10.51
C SER A 93 7.98 20.75 -11.27
N ALA A 94 7.57 20.61 -12.52
CA ALA A 94 7.11 21.73 -13.33
C ALA A 94 5.78 21.21 -13.91
N THR A 95 4.68 21.90 -13.60
CA THR A 95 3.34 21.48 -14.03
C THR A 95 2.73 22.46 -15.00
N VAL A 96 2.35 21.96 -16.18
CA VAL A 96 1.70 22.80 -17.18
C VAL A 96 0.18 22.79 -16.90
N ILE A 97 -0.44 23.96 -17.04
CA ILE A 97 -1.86 24.16 -16.77
C ILE A 97 -2.44 24.98 -17.92
N VAL A 98 -3.19 24.32 -18.81
CA VAL A 98 -3.77 25.00 -19.96
C VAL A 98 -5.13 24.32 -20.29
N PRO A 99 -6.09 25.07 -20.89
CA PRO A 99 -7.42 24.48 -21.17
C PRO A 99 -7.50 23.29 -22.15
N GLN A 100 -6.80 23.34 -23.28
CA GLN A 100 -6.85 22.23 -24.23
C GLN A 100 -5.78 21.14 -23.99
N ILE A 101 -6.22 19.88 -24.04
CA ILE A 101 -5.35 18.72 -23.84
C ILE A 101 -4.12 18.73 -24.77
N SER A 102 -4.34 19.05 -26.04
CA SER A 102 -3.29 19.10 -27.04
C SER A 102 -2.26 20.20 -26.79
N ASP A 103 -2.73 21.35 -26.31
CA ASP A 103 -1.86 22.48 -25.96
C ASP A 103 -1.01 22.14 -24.72
N ALA A 104 -1.59 21.41 -23.78
CA ALA A 104 -0.89 20.97 -22.57
C ALA A 104 0.22 19.97 -22.88
N ILE A 105 -0.03 19.06 -23.82
CA ILE A 105 0.96 18.08 -24.23
C ILE A 105 2.11 18.71 -25.04
N ASN A 106 1.78 19.67 -25.88
CA ASN A 106 2.82 20.39 -26.61
C ASN A 106 3.71 21.14 -25.63
N ALA A 107 3.09 21.83 -24.68
CA ALA A 107 3.84 22.63 -23.70
C ALA A 107 4.77 21.75 -22.88
N LEU A 108 4.33 20.52 -22.64
CA LEU A 108 5.09 19.55 -21.86
C LEU A 108 6.38 19.16 -22.60
N ASP A 109 6.29 19.06 -23.92
CA ASP A 109 7.45 18.75 -24.77
C ASP A 109 8.45 19.91 -24.70
N ARG A 110 7.95 21.15 -24.62
CA ARG A 110 8.78 22.36 -24.52
C ARG A 110 9.58 22.41 -23.23
N LEU A 111 8.95 21.98 -22.14
CA LEU A 111 9.60 22.00 -20.83
C LEU A 111 10.79 21.05 -20.75
N ARG A 112 10.59 19.83 -21.21
CA ARG A 112 11.63 18.83 -21.09
C ARG A 112 12.81 19.19 -22.00
N ARG A 113 12.50 19.73 -23.18
CA ARG A 113 13.50 20.22 -24.11
C ARG A 113 14.21 21.43 -23.52
N SER A 114 13.49 22.26 -22.76
CA SER A 114 14.10 23.43 -22.10
C SER A 114 14.93 23.07 -20.85
N LEU A 115 14.49 22.06 -20.10
CA LEU A 115 15.09 21.76 -18.78
C LEU A 115 16.06 20.60 -18.67
N GLY A 116 15.85 19.56 -19.50
CA GLY A 116 16.71 18.40 -19.48
C GLY A 116 18.17 18.75 -19.69
N GLY A 117 19.01 18.34 -18.74
CA GLY A 117 20.46 18.53 -18.84
C GLY A 117 21.09 19.86 -18.52
N ILE A 118 20.31 20.83 -18.01
CA ILE A 118 20.89 22.14 -17.72
C ILE A 118 21.73 22.07 -16.46
N GLU A 119 22.69 22.99 -16.33
CA GLU A 119 23.50 23.07 -15.13
C GLU A 119 22.71 23.83 -14.06
N LEU A 120 22.85 23.39 -12.82
CA LEU A 120 22.23 24.03 -11.68
C LEU A 120 23.35 24.54 -10.76
N PRO A 121 23.11 25.68 -10.06
CA PRO A 121 24.18 26.19 -9.22
C PRO A 121 24.41 25.32 -7.98
N ASP A 122 25.68 25.08 -7.69
CA ASP A 122 26.10 24.29 -6.53
C ASP A 122 25.57 22.84 -6.55
N CYS A 123 25.24 22.34 -7.74
CA CYS A 123 24.81 20.94 -7.92
C CYS A 123 25.95 20.15 -8.58
N ASP A 124 26.03 18.84 -8.31
CA ASP A 124 27.16 18.07 -8.82
C ASP A 124 26.99 17.38 -10.17
N ARG A 125 25.85 17.62 -10.81
CA ARG A 125 25.55 17.04 -12.13
C ARG A 125 24.40 17.82 -12.76
N PRO A 126 24.18 17.65 -14.07
CA PRO A 126 23.04 18.35 -14.66
C PRO A 126 21.66 17.89 -14.15
N LEU A 127 20.65 18.69 -14.48
CA LEU A 127 19.29 18.36 -14.13
C LEU A 127 18.87 17.16 -14.98
N TRP A 128 18.33 16.15 -14.30
CA TRP A 128 17.89 14.93 -14.93
C TRP A 128 16.36 14.83 -14.94
N LEU A 129 15.80 14.28 -16.00
CA LEU A 129 14.35 14.05 -16.08
C LEU A 129 14.03 12.74 -15.34
N GLU A 130 12.92 12.71 -14.59
CA GLU A 130 12.51 11.51 -13.87
C GLU A 130 11.23 10.92 -14.46
N SER A 131 10.18 11.74 -14.52
CA SER A 131 8.92 11.27 -15.06
C SER A 131 7.97 12.39 -15.47
N GLU A 132 6.94 12.02 -16.20
CA GLU A 132 5.86 12.92 -16.57
C GLU A 132 4.57 12.23 -16.13
N LYS A 133 3.66 13.01 -15.54
CA LYS A 133 2.39 12.43 -15.12
C LYS A 133 1.19 13.35 -15.22
N TYR A 134 0.05 12.74 -15.52
CA TYR A 134 -1.19 13.48 -15.60
C TYR A 134 -1.64 13.81 -14.19
N ILE A 135 -1.90 15.09 -13.96
CA ILE A 135 -2.29 15.58 -12.66
C ILE A 135 -3.80 15.64 -12.50
N GLY A 136 -4.49 16.24 -13.48
CA GLY A 136 -5.94 16.34 -13.45
C GLY A 136 -6.48 17.34 -14.46
N ASP A 137 -7.77 17.65 -14.35
CA ASP A 137 -8.40 18.62 -15.25
C ASP A 137 -9.28 19.60 -14.44
N ALA A 138 -8.91 19.84 -13.18
CA ALA A 138 -9.68 20.75 -12.33
C ALA A 138 -9.95 22.11 -12.98
N ALA A 139 -11.20 22.55 -12.87
CA ALA A 139 -11.66 23.85 -13.36
C ALA A 139 -11.45 24.09 -14.85
N ASN A 140 -11.42 22.99 -15.60
CA ASN A 140 -11.28 23.02 -17.06
C ASN A 140 -9.88 23.40 -17.54
N PHE A 141 -8.89 23.11 -16.73
CA PHE A 141 -7.51 23.30 -17.13
C PHE A 141 -6.86 21.94 -17.02
N CYS A 142 -6.24 21.53 -18.12
CA CYS A 142 -5.51 20.28 -18.21
C CYS A 142 -4.13 20.46 -17.59
N ARG A 143 -3.79 19.55 -16.67
CA ARG A 143 -2.56 19.64 -15.90
C ARG A 143 -1.68 18.40 -16.02
N TYR A 144 -0.46 18.61 -16.51
CA TYR A 144 0.56 17.57 -16.64
C TYR A 144 1.87 17.99 -15.96
N ALA A 145 2.44 17.11 -15.15
CA ALA A 145 3.67 17.42 -14.45
C ALA A 145 4.93 16.69 -14.96
N LEU A 146 6.00 17.46 -15.10
CA LEU A 146 7.32 16.90 -15.37
C LEU A 146 8.08 16.92 -14.02
N ASP A 147 8.48 15.76 -13.57
CA ASP A 147 9.25 15.60 -12.34
C ASP A 147 10.73 15.46 -12.72
N MET A 148 11.59 16.14 -11.98
CA MET A 148 13.01 16.14 -12.29
C MET A 148 13.83 15.97 -11.02
N THR A 149 15.10 15.59 -11.18
CA THR A 149 15.96 15.47 -10.02
C THR A 149 17.28 16.20 -10.22
N ALA A 150 17.80 16.69 -9.09
CA ALA A 150 19.07 17.35 -9.03
C ALA A 150 19.85 16.66 -7.92
N SER A 151 21.17 16.86 -7.89
CA SER A 151 21.98 16.23 -6.88
C SER A 151 22.99 17.19 -6.30
N THR A 152 23.22 17.11 -5.00
CA THR A 152 24.19 17.97 -4.33
C THR A 152 24.79 17.30 -3.09
N LEU A 153 25.76 17.97 -2.48
CA LEU A 153 26.37 17.40 -1.28
C LEU A 153 26.10 18.30 -0.10
N PHE A 154 25.36 17.82 0.89
CA PHE A 154 25.16 18.58 2.11
C PHE A 154 26.41 18.40 2.98
N ILE A 155 27.03 19.51 3.36
CA ILE A 155 28.23 19.44 4.21
C ILE A 155 27.90 20.16 5.52
N ALA A 156 27.88 19.40 6.61
CA ALA A 156 27.53 19.95 7.91
C ALA A 156 28.59 20.88 8.45
N GLU A 157 28.14 21.90 9.20
CA GLU A 157 29.02 22.84 9.87
C GLU A 157 29.86 22.11 10.90
N GLN A 158 31.12 22.52 11.03
CA GLN A 158 32.04 21.94 12.03
C GLN A 158 32.62 23.04 12.91
N ASN B 23 25.70 6.74 30.83
CA ASN B 23 24.32 7.26 31.04
C ASN B 23 23.33 6.93 29.91
N ALA B 24 22.13 6.54 30.29
CA ALA B 24 21.09 6.21 29.34
C ALA B 24 20.51 7.49 28.74
N MET B 25 20.10 7.38 27.49
CA MET B 25 19.52 8.49 26.78
C MET B 25 18.11 8.88 27.29
N GLU B 26 17.92 10.18 27.49
CA GLU B 26 16.64 10.75 27.88
C GLU B 26 16.10 11.42 26.62
N THR B 27 15.03 10.86 26.08
CA THR B 27 14.43 11.31 24.84
C THR B 27 14.10 12.81 24.83
N LEU B 28 13.51 13.30 25.91
CA LEU B 28 13.14 14.70 26.05
C LEU B 28 14.38 15.62 26.00
N SER B 29 15.48 15.17 26.60
CA SER B 29 16.75 15.91 26.53
C SER B 29 17.24 16.05 25.09
N VAL B 30 17.08 15.01 24.29
CA VAL B 30 17.51 15.05 22.89
C VAL B 30 16.70 16.07 22.09
N ILE B 31 15.38 16.13 22.30
CA ILE B 31 14.58 17.09 21.54
C ILE B 31 14.80 18.52 22.04
N HIS B 32 15.10 18.68 23.33
CA HIS B 32 15.45 19.99 23.89
C HIS B 32 16.76 20.49 23.28
N THR B 33 17.71 19.59 23.03
CA THR B 33 18.98 19.94 22.42
C THR B 33 18.74 20.48 21.01
N VAL B 34 17.96 19.74 20.22
CA VAL B 34 17.55 20.15 18.86
C VAL B 34 16.83 21.51 18.88
N ALA B 35 15.87 21.66 19.80
CA ALA B 35 15.12 22.92 19.97
C ALA B 35 15.99 24.09 20.41
N ASN B 36 16.89 23.87 21.36
CA ASN B 36 17.76 24.93 21.87
C ASN B 36 18.75 25.39 20.78
N ARG B 37 19.28 24.43 20.04
CA ARG B 37 20.21 24.70 18.96
C ARG B 37 19.55 25.60 17.90
N LEU B 38 18.32 25.25 17.51
CA LEU B 38 17.55 26.07 16.59
C LEU B 38 17.30 27.49 17.07
N ARG B 39 16.95 27.63 18.36
CA ARG B 39 16.66 28.94 18.93
C ARG B 39 17.84 29.88 18.94
N GLU B 40 18.98 29.40 19.45
CA GLU B 40 20.18 30.20 19.52
C GLU B 40 20.66 30.64 18.15
N LEU B 41 20.49 29.79 17.15
CA LEU B 41 20.93 30.15 15.80
C LEU B 41 19.88 30.86 14.98
N ASN B 42 18.63 30.83 15.43
CA ASN B 42 17.53 31.43 14.67
C ASN B 42 16.56 32.15 15.62
N PRO B 43 16.98 33.32 16.14
CA PRO B 43 16.18 34.05 17.15
C PRO B 43 14.81 34.58 16.74
N ASP B 44 14.57 34.79 15.45
CA ASP B 44 13.27 35.31 15.04
C ASP B 44 12.27 34.20 14.72
N MET B 45 12.68 32.97 14.95
CA MET B 45 11.82 31.82 14.78
C MET B 45 11.08 31.51 16.08
N ASP B 46 9.87 31.01 15.95
CA ASP B 46 9.03 30.62 17.09
C ASP B 46 9.08 29.10 17.12
N ILE B 47 9.95 28.53 17.96
CA ILE B 47 10.15 27.08 18.04
C ILE B 47 9.31 26.41 19.11
N HIS B 48 8.42 25.49 18.70
CA HIS B 48 7.55 24.79 19.63
C HIS B 48 7.72 23.29 19.61
N ILE B 49 7.46 22.68 20.76
CA ILE B 49 7.38 21.24 20.88
C ILE B 49 5.90 21.07 21.18
N SER B 50 5.14 20.70 20.15
CA SER B 50 3.68 20.63 20.26
C SER B 50 3.01 19.28 20.19
N SER B 51 1.75 19.28 20.59
CA SER B 51 0.90 18.11 20.57
C SER B 51 0.14 18.04 19.24
N THR B 52 -0.10 19.20 18.63
CA THR B 52 -0.79 19.30 17.35
C THR B 52 0.14 18.89 16.20
N ASP B 53 -0.40 18.17 15.22
CA ASP B 53 0.34 17.76 14.05
C ASP B 53 0.65 18.99 13.17
N ALA B 54 1.92 19.12 12.79
CA ALA B 54 2.41 20.23 11.98
C ALA B 54 1.69 20.37 10.65
N LYS B 55 0.97 19.33 10.26
CA LYS B 55 0.21 19.33 9.03
C LYS B 55 -1.07 20.20 9.14
N VAL B 56 -1.59 20.33 10.35
CA VAL B 56 -2.81 21.12 10.56
C VAL B 56 -2.65 22.33 11.49
N TYR B 57 -1.53 22.38 12.22
CA TYR B 57 -1.24 23.45 13.16
C TYR B 57 -1.35 24.84 12.55
N ILE B 58 -2.05 25.74 13.22
CA ILE B 58 -2.18 27.09 12.72
C ILE B 58 -1.41 28.02 13.65
N PRO B 59 -0.35 28.67 13.13
CA PRO B 59 0.44 29.58 13.96
C PRO B 59 -0.34 30.79 14.40
N THR B 60 -0.16 31.18 15.66
CA THR B 60 -0.77 32.39 16.15
C THR B 60 0.36 33.39 15.95
N GLY B 61 0.03 34.54 15.37
CA GLY B 61 1.07 35.54 15.14
C GLY B 61 1.69 35.45 13.76
N GLN B 62 2.71 36.28 13.53
CA GLN B 62 3.31 36.41 12.22
C GLN B 62 4.70 35.79 12.04
N GLN B 63 5.41 35.51 13.12
CA GLN B 63 6.77 34.94 13.03
C GLN B 63 6.87 33.57 12.38
N VAL B 64 8.06 33.24 11.89
CA VAL B 64 8.36 31.94 11.30
C VAL B 64 8.19 30.89 12.39
N THR B 65 7.41 29.86 12.12
CA THR B 65 7.08 28.84 13.10
C THR B 65 7.69 27.48 12.77
N VAL B 66 8.28 26.84 13.77
CA VAL B 66 8.90 25.53 13.60
C VAL B 66 8.43 24.61 14.72
N LEU B 67 7.83 23.48 14.38
CA LEU B 67 7.40 22.52 15.39
C LEU B 67 8.35 21.35 15.39
N ILE B 68 8.89 21.03 16.56
CA ILE B 68 9.82 19.93 16.78
C ILE B 68 8.98 18.76 17.24
N HIS B 69 9.18 17.58 16.65
CA HIS B 69 8.37 16.43 17.00
C HIS B 69 9.14 15.12 17.05
N TYR B 70 8.98 14.39 18.15
CA TYR B 70 9.60 13.08 18.31
C TYR B 70 8.67 12.06 17.65
N CYS B 71 9.13 11.54 16.52
CA CYS B 71 8.34 10.60 15.72
C CYS B 71 8.31 9.15 16.23
N GLY B 72 9.34 8.74 16.96
CA GLY B 72 9.37 7.37 17.43
C GLY B 72 10.74 6.79 17.23
N SER B 73 10.87 5.50 17.51
CA SER B 73 12.14 4.79 17.41
C SER B 73 11.92 3.38 16.92
N VAL B 74 12.96 2.82 16.32
CA VAL B 74 12.95 1.43 15.90
C VAL B 74 14.13 0.80 16.62
N PHE B 75 13.90 -0.35 17.25
CA PHE B 75 14.95 -1.06 17.97
C PHE B 75 15.41 -2.31 17.23
N ALA B 76 16.70 -2.39 16.91
CA ALA B 76 17.21 -3.61 16.27
C ALA B 76 17.23 -4.74 17.30
N GLU B 77 17.26 -6.00 16.86
CA GLU B 77 17.36 -7.10 17.81
C GLU B 77 18.71 -7.10 18.50
N PRO B 78 18.81 -7.71 19.69
CA PRO B 78 20.12 -7.93 20.26
C PRO B 78 20.89 -8.83 19.30
N GLU B 79 22.21 -8.74 19.31
CA GLU B 79 22.99 -9.44 18.32
C GLU B 79 23.72 -10.71 18.80
N ASN B 80 22.95 -11.78 19.00
CA ASN B 80 23.48 -13.10 19.41
C ASN B 80 24.31 -13.06 20.68
N THR B 81 23.92 -12.24 21.65
CA THR B 81 24.68 -12.13 22.90
C THR B 81 23.81 -12.42 24.11
N ASP B 82 24.47 -12.76 25.22
CA ASP B 82 23.78 -13.02 26.47
C ASP B 82 23.04 -11.78 26.99
N ALA B 83 23.67 -10.60 26.86
CA ALA B 83 23.07 -9.35 27.29
C ALA B 83 22.02 -8.80 26.32
N THR B 84 20.95 -8.22 26.87
CA THR B 84 19.91 -7.57 26.07
C THR B 84 20.34 -6.13 25.83
N VAL B 85 20.96 -5.93 24.68
CA VAL B 85 21.45 -4.64 24.26
C VAL B 85 20.84 -4.44 22.88
N GLN B 86 20.22 -3.30 22.63
CA GLN B 86 19.57 -3.06 21.36
C GLN B 86 19.89 -1.70 20.75
N LYS B 87 20.29 -1.70 19.49
CA LYS B 87 20.56 -0.44 18.82
C LYS B 87 19.20 0.23 18.55
N GLN B 88 19.13 1.53 18.83
CA GLN B 88 17.91 2.30 18.68
C GLN B 88 18.13 3.45 17.71
N LEU B 89 17.26 3.52 16.70
CA LEU B 89 17.27 4.58 15.68
C LEU B 89 16.12 5.51 16.04
N ILE B 90 16.45 6.76 16.31
CA ILE B 90 15.50 7.78 16.77
C ILE B 90 15.09 8.74 15.66
N ARG B 91 13.78 8.85 15.39
CA ARG B 91 13.31 9.79 14.36
C ARG B 91 12.74 11.10 14.93
N ILE B 92 13.27 12.22 14.46
CA ILE B 92 12.81 13.53 14.89
C ILE B 92 12.47 14.41 13.66
N SER B 93 11.35 15.13 13.74
CA SER B 93 11.00 16.04 12.67
C SER B 93 10.96 17.49 13.14
N ALA B 94 11.37 18.39 12.26
CA ALA B 94 11.28 19.83 12.49
C ALA B 94 10.50 20.32 11.28
N THR B 95 9.34 20.92 11.51
CA THR B 95 8.50 21.35 10.39
C THR B 95 8.32 22.87 10.38
N VAL B 96 8.64 23.49 9.26
CA VAL B 96 8.45 24.92 9.09
C VAL B 96 7.02 25.18 8.65
N ILE B 97 6.38 26.20 9.23
CA ILE B 97 5.03 26.57 8.86
C ILE B 97 4.99 28.09 8.62
N VAL B 98 4.83 28.53 7.38
CA VAL B 98 4.75 29.97 7.04
C VAL B 98 3.83 30.22 5.82
N PRO B 99 3.26 31.43 5.69
CA PRO B 99 2.42 31.75 4.51
C PRO B 99 3.09 31.62 3.11
N GLN B 100 4.20 32.33 2.88
CA GLN B 100 4.87 32.27 1.56
C GLN B 100 5.78 31.07 1.42
N ILE B 101 5.75 30.43 0.25
CA ILE B 101 6.58 29.26 0.03
C ILE B 101 8.09 29.61 -0.10
N SER B 102 8.39 30.82 -0.57
CA SER B 102 9.79 31.22 -0.67
C SER B 102 10.43 31.33 0.72
N ASP B 103 9.64 31.78 1.69
CA ASP B 103 10.12 31.91 3.07
C ASP B 103 10.21 30.55 3.74
N ALA B 104 9.30 29.65 3.35
CA ALA B 104 9.29 28.27 3.84
C ALA B 104 10.58 27.57 3.44
N ILE B 105 10.95 27.73 2.17
CA ILE B 105 12.16 27.11 1.63
C ILE B 105 13.41 27.71 2.26
N ASN B 106 13.44 29.03 2.36
CA ASN B 106 14.54 29.69 3.03
C ASN B 106 14.68 29.18 4.46
N ALA B 107 13.54 29.09 5.16
CA ALA B 107 13.53 28.59 6.54
C ALA B 107 14.03 27.15 6.67
N LEU B 108 13.70 26.32 5.67
CA LEU B 108 14.11 24.93 5.66
C LEU B 108 15.64 24.84 5.50
N ASP B 109 16.22 25.72 4.67
CA ASP B 109 17.67 25.78 4.51
C ASP B 109 18.34 26.14 5.85
N ARG B 110 17.72 27.06 6.60
CA ARG B 110 18.22 27.43 7.91
C ARG B 110 18.16 26.29 8.94
N LEU B 111 17.10 25.49 8.93
CA LEU B 111 17.00 24.34 9.85
C LEU B 111 18.10 23.35 9.56
N ARG B 112 18.34 23.16 8.27
CA ARG B 112 19.27 22.18 7.77
C ARG B 112 20.73 22.48 8.16
N ARG B 113 21.18 23.73 7.99
CA ARG B 113 22.54 24.06 8.39
C ARG B 113 22.68 24.22 9.92
N SER B 114 21.57 24.48 10.60
CA SER B 114 21.58 24.60 12.05
C SER B 114 21.67 23.23 12.71
N LEU B 115 20.96 22.25 12.15
CA LEU B 115 20.85 20.96 12.79
C LEU B 115 21.75 19.82 12.30
N GLY B 116 22.17 19.86 11.03
CA GLY B 116 23.00 18.80 10.49
C GLY B 116 24.32 18.56 11.21
N GLY B 117 24.54 17.30 11.59
CA GLY B 117 25.79 16.89 12.23
C GLY B 117 26.07 17.35 13.64
N ILE B 118 25.04 17.74 14.38
CA ILE B 118 25.27 18.22 15.74
C ILE B 118 25.38 17.06 16.73
N GLU B 119 26.12 17.31 17.81
CA GLU B 119 26.28 16.34 18.89
C GLU B 119 24.97 16.29 19.68
N LEU B 120 24.59 15.08 20.08
CA LEU B 120 23.39 14.87 20.88
C LEU B 120 23.75 14.09 22.15
N PRO B 121 23.18 14.50 23.30
CA PRO B 121 23.55 13.86 24.56
C PRO B 121 23.22 12.36 24.60
N ASP B 122 24.22 11.56 24.99
CA ASP B 122 24.12 10.09 25.11
C ASP B 122 23.75 9.35 23.80
N CYS B 123 24.09 9.96 22.67
CA CYS B 123 23.89 9.37 21.35
C CYS B 123 25.22 8.88 20.78
N ASP B 124 25.15 7.82 19.96
CA ASP B 124 26.30 7.15 19.30
C ASP B 124 27.04 7.94 18.24
N ARG B 125 26.32 8.82 17.55
CA ARG B 125 26.88 9.54 16.42
C ARG B 125 26.21 10.91 16.30
N PRO B 126 26.71 11.77 15.40
CA PRO B 126 26.03 13.06 15.24
C PRO B 126 24.62 12.90 14.67
N LEU B 127 23.84 13.98 14.75
CA LEU B 127 22.51 14.01 14.16
C LEU B 127 22.68 13.93 12.63
N TRP B 128 21.88 13.08 12.02
CA TRP B 128 21.92 12.89 10.59
C TRP B 128 20.61 13.35 9.95
N LEU B 129 20.72 13.87 8.74
CA LEU B 129 19.58 14.29 8.00
C LEU B 129 19.06 13.07 7.25
N GLU B 130 17.74 12.93 7.15
CA GLU B 130 17.14 11.79 6.46
C GLU B 130 16.34 12.23 5.22
N SER B 131 15.46 13.21 5.40
CA SER B 131 14.67 13.72 4.28
C SER B 131 14.01 15.07 4.55
N GLU B 132 13.64 15.73 3.47
CA GLU B 132 12.89 16.96 3.50
C GLU B 132 11.67 16.67 2.66
N LYS B 133 10.53 17.17 3.09
CA LYS B 133 9.31 16.97 2.33
C LYS B 133 8.27 18.05 2.50
N TYR B 134 7.56 18.28 1.42
CA TYR B 134 6.44 19.20 1.40
C TYR B 134 5.30 18.46 2.06
N ILE B 135 4.70 19.09 3.07
CA ILE B 135 3.64 18.47 3.84
C ILE B 135 2.28 18.97 3.42
N GLY B 136 2.19 20.23 3.02
CA GLY B 136 0.91 20.76 2.59
C GLY B 136 0.78 22.25 2.73
N ASP B 137 -0.44 22.71 2.45
CA ASP B 137 -0.78 24.11 2.43
C ASP B 137 -2.07 24.40 3.26
N ALA B 138 -2.35 23.57 4.27
CA ALA B 138 -3.58 23.75 5.07
C ALA B 138 -3.66 25.12 5.72
N ALA B 139 -4.86 25.70 5.65
CA ALA B 139 -5.15 27.05 6.16
C ALA B 139 -4.26 28.11 5.52
N ASN B 140 -3.72 27.79 4.34
CA ASN B 140 -2.82 28.67 3.58
C ASN B 140 -1.46 28.96 4.23
N PHE B 141 -0.95 27.97 4.95
CA PHE B 141 0.38 28.04 5.51
C PHE B 141 1.15 26.90 4.81
N CYS B 142 2.23 27.25 4.12
CA CYS B 142 3.09 26.25 3.48
C CYS B 142 3.87 25.56 4.57
N ARG B 143 3.95 24.23 4.45
CA ARG B 143 4.55 23.40 5.45
C ARG B 143 5.60 22.48 4.83
N TYR B 144 6.81 22.56 5.36
CA TYR B 144 7.93 21.71 4.95
C TYR B 144 8.56 21.06 6.17
N ALA B 145 8.73 19.75 6.14
CA ALA B 145 9.33 19.04 7.26
C ALA B 145 10.74 18.58 6.94
N LEU B 146 11.64 18.75 7.91
CA LEU B 146 12.97 18.17 7.82
C LEU B 146 12.94 16.97 8.78
N ASP B 147 13.15 15.76 8.25
CA ASP B 147 13.17 14.55 9.07
C ASP B 147 14.61 14.14 9.33
N MET B 148 14.90 13.82 10.59
CA MET B 148 16.26 13.54 11.02
C MET B 148 16.37 12.31 11.91
N THR B 149 17.55 11.70 11.95
CA THR B 149 17.73 10.57 12.82
C THR B 149 18.89 10.74 13.79
N ALA B 150 18.65 10.19 14.98
CA ALA B 150 19.66 10.07 16.02
C ALA B 150 19.85 8.58 16.28
N SER B 151 20.95 8.23 16.93
CA SER B 151 21.20 6.86 17.23
C SER B 151 21.71 6.72 18.63
N THR B 152 21.24 5.69 19.32
CA THR B 152 21.72 5.38 20.65
C THR B 152 21.68 3.85 20.89
N LEU B 153 22.27 3.44 21.99
CA LEU B 153 22.33 2.04 22.31
C LEU B 153 21.49 1.83 23.54
N PHE B 154 20.44 1.02 23.43
CA PHE B 154 19.63 0.73 24.59
C PHE B 154 20.25 -0.43 25.37
N ILE B 155 20.42 -0.24 26.68
CA ILE B 155 21.01 -1.26 27.54
C ILE B 155 20.04 -1.62 28.65
N ALA B 156 19.57 -2.87 28.62
CA ALA B 156 18.62 -3.34 29.62
C ALA B 156 19.25 -3.48 31.00
N GLU B 157 18.41 -3.30 32.01
CA GLU B 157 18.76 -3.45 33.41
C GLU B 157 18.95 -4.92 33.74
N GLN B 158 19.92 -5.22 34.61
CA GLN B 158 20.19 -6.58 35.07
C GLN B 158 20.02 -6.65 36.58
N ASN C 23 5.63 -26.39 30.01
CA ASN C 23 4.33 -25.66 30.08
C ASN C 23 4.08 -24.72 28.92
N ALA C 24 2.86 -24.77 28.40
CA ALA C 24 2.44 -23.91 27.30
C ALA C 24 2.36 -22.49 27.80
N MET C 25 2.71 -21.55 26.92
CA MET C 25 2.65 -20.14 27.25
C MET C 25 1.19 -19.72 27.40
N GLU C 26 0.90 -19.01 28.47
CA GLU C 26 -0.42 -18.46 28.74
C GLU C 26 -0.28 -16.98 28.42
N THR C 27 -0.91 -16.56 27.32
CA THR C 27 -0.79 -15.16 26.86
C THR C 27 -1.13 -14.11 27.91
N LEU C 28 -2.19 -14.34 28.65
CA LEU C 28 -2.61 -13.39 29.66
C LEU C 28 -1.57 -13.30 30.78
N SER C 29 -0.91 -14.42 31.06
CA SER C 29 0.12 -14.46 32.08
C SER C 29 1.30 -13.57 31.68
N VAL C 30 1.64 -13.56 30.38
CA VAL C 30 2.69 -12.73 29.85
C VAL C 30 2.31 -11.25 30.00
N ILE C 31 1.10 -10.91 29.58
CA ILE C 31 0.56 -9.55 29.74
C ILE C 31 0.56 -9.18 31.23
N HIS C 32 0.17 -10.11 32.10
CA HIS C 32 0.18 -9.83 33.54
C HIS C 32 1.60 -9.54 34.08
N THR C 33 2.60 -10.25 33.56
CA THR C 33 4.00 -10.07 33.97
C THR C 33 4.48 -8.66 33.65
N VAL C 34 4.10 -8.16 32.46
CA VAL C 34 4.40 -6.80 32.01
C VAL C 34 3.75 -5.77 32.96
N ALA C 35 2.46 -5.93 33.22
CA ALA C 35 1.71 -5.04 34.09
C ALA C 35 2.26 -4.99 35.51
N ASN C 36 2.43 -6.15 36.13
CA ASN C 36 2.99 -6.23 37.47
C ASN C 36 4.35 -5.58 37.56
N ARG C 37 5.24 -5.94 36.65
CA ARG C 37 6.58 -5.37 36.61
C ARG C 37 6.50 -3.85 36.58
N LEU C 38 5.65 -3.33 35.72
CA LEU C 38 5.45 -1.92 35.53
C LEU C 38 4.91 -1.23 36.80
N ARG C 39 3.96 -1.89 37.51
CA ARG C 39 3.40 -1.34 38.76
C ARG C 39 4.40 -1.29 39.91
N GLU C 40 5.22 -2.33 40.01
CA GLU C 40 6.22 -2.36 41.06
C GLU C 40 7.29 -1.30 40.89
N LEU C 41 7.67 -1.00 39.64
CA LEU C 41 8.71 0.03 39.42
C LEU C 41 8.13 1.44 39.28
N ASN C 42 6.83 1.54 39.08
CA ASN C 42 6.17 2.82 38.88
C ASN C 42 4.90 2.83 39.70
N PRO C 43 5.04 2.99 41.03
CA PRO C 43 3.89 2.93 41.92
C PRO C 43 2.86 4.03 41.72
N ASP C 44 3.25 5.15 41.13
CA ASP C 44 2.32 6.26 40.96
C ASP C 44 1.68 6.36 39.58
N MET C 45 1.90 5.31 38.75
CA MET C 45 1.28 5.20 37.44
C MET C 45 0.03 4.35 37.60
N ASP C 46 -0.99 4.63 36.79
CA ASP C 46 -2.20 3.83 36.78
C ASP C 46 -2.10 2.89 35.56
N ILE C 47 -1.89 1.61 35.83
CA ILE C 47 -1.67 0.60 34.78
C ILE C 47 -2.93 -0.23 34.51
N HIS C 48 -3.34 -0.33 33.25
CA HIS C 48 -4.54 -1.10 32.89
C HIS C 48 -4.35 -2.05 31.73
N ILE C 49 -5.16 -3.09 31.74
CA ILE C 49 -5.31 -4.01 30.65
C ILE C 49 -6.79 -3.77 30.40
N SER C 50 -7.08 -2.90 29.43
CA SER C 50 -8.44 -2.44 29.13
C SER C 50 -9.02 -2.99 27.82
N SER C 51 -10.34 -2.93 27.69
CA SER C 51 -11.01 -3.35 26.48
C SER C 51 -10.99 -2.22 25.44
N THR C 52 -10.79 -1.00 25.93
CA THR C 52 -10.79 0.22 25.11
C THR C 52 -9.43 0.45 24.47
N ASP C 53 -9.41 0.97 23.24
CA ASP C 53 -8.17 1.30 22.54
C ASP C 53 -7.48 2.47 23.25
N ALA C 54 -6.17 2.40 23.35
CA ALA C 54 -5.38 3.42 24.00
C ALA C 54 -5.37 4.75 23.24
N LYS C 55 -5.81 4.72 21.99
CA LYS C 55 -5.89 5.90 21.13
C LYS C 55 -7.07 6.77 21.53
N VAL C 56 -8.11 6.13 22.06
CA VAL C 56 -9.34 6.84 22.46
C VAL C 56 -9.59 6.86 23.97
N TYR C 57 -8.97 5.95 24.71
CA TYR C 57 -9.17 5.89 26.16
C TYR C 57 -8.95 7.23 26.88
N ILE C 58 -9.88 7.57 27.76
CA ILE C 58 -9.79 8.82 28.54
C ILE C 58 -9.62 8.49 30.03
N PRO C 59 -8.42 8.75 30.59
CA PRO C 59 -8.06 8.49 32.01
C PRO C 59 -8.97 9.18 33.01
N THR C 60 -9.40 8.43 34.02
CA THR C 60 -10.35 8.96 35.02
C THR C 60 -9.65 9.85 36.05
N GLY C 61 -8.35 9.64 36.24
CA GLY C 61 -7.63 10.44 37.23
C GLY C 61 -6.55 11.32 36.65
N GLN C 62 -5.59 11.69 37.49
CA GLN C 62 -4.50 12.58 37.06
C GLN C 62 -3.15 11.87 37.05
N GLN C 63 -3.11 10.63 37.52
CA GLN C 63 -1.88 9.84 37.48
C GLN C 63 -1.54 9.51 36.02
N VAL C 64 -0.25 9.27 35.77
CA VAL C 64 0.22 8.87 34.45
C VAL C 64 -0.42 7.52 34.20
N THR C 65 -1.07 7.39 33.04
CA THR C 65 -1.81 6.19 32.69
C THR C 65 -1.14 5.40 31.56
N VAL C 66 -1.11 4.09 31.73
CA VAL C 66 -0.51 3.19 30.77
C VAL C 66 -1.49 2.05 30.48
N LEU C 67 -1.76 1.82 29.19
CA LEU C 67 -2.61 0.72 28.79
C LEU C 67 -1.74 -0.34 28.15
N ILE C 68 -1.91 -1.58 28.61
CA ILE C 68 -1.13 -2.73 28.13
C ILE C 68 -2.05 -3.56 27.27
N HIS C 69 -1.56 -3.95 26.09
CA HIS C 69 -2.42 -4.61 25.12
C HIS C 69 -1.72 -5.71 24.34
N TYR C 70 -2.43 -6.81 24.14
CA TYR C 70 -1.92 -7.91 23.35
C TYR C 70 -2.29 -7.62 21.89
N CYS C 71 -1.28 -7.43 21.05
CA CYS C 71 -1.51 -7.07 19.65
C CYS C 71 -1.83 -8.26 18.76
N GLY C 72 -1.21 -9.38 19.07
CA GLY C 72 -1.41 -10.58 18.30
C GLY C 72 -0.11 -11.35 18.20
N SER C 73 -0.15 -12.46 17.46
CA SER C 73 1.02 -13.31 17.26
C SER C 73 1.15 -13.70 15.80
N VAL C 74 2.37 -14.05 15.43
CA VAL C 74 2.70 -14.60 14.13
C VAL C 74 3.35 -15.96 14.44
N PHE C 75 2.87 -17.00 13.77
CA PHE C 75 3.41 -18.35 13.97
C PHE C 75 4.22 -18.75 12.77
N ALA C 76 5.43 -19.22 13.03
CA ALA C 76 6.30 -19.70 11.96
C ALA C 76 5.78 -21.09 11.64
N GLU C 77 6.00 -21.54 10.42
CA GLU C 77 5.56 -22.87 10.07
C GLU C 77 6.49 -23.90 10.72
N PRO C 78 5.95 -25.09 11.03
CA PRO C 78 6.74 -26.17 11.61
C PRO C 78 8.04 -26.37 10.85
N GLU C 79 9.13 -26.62 11.56
CA GLU C 79 10.45 -26.76 10.98
C GLU C 79 10.62 -28.07 10.19
N ASN C 80 9.49 -28.62 9.75
CA ASN C 80 9.42 -29.86 8.95
C ASN C 80 10.02 -31.04 9.70
N THR C 81 9.41 -31.32 10.84
CA THR C 81 9.80 -32.44 11.68
C THR C 81 8.51 -33.21 11.93
N ASP C 82 8.63 -34.46 12.37
CA ASP C 82 7.47 -35.28 12.68
C ASP C 82 6.57 -34.70 13.80
N ALA C 83 7.04 -33.62 14.42
CA ALA C 83 6.29 -32.93 15.46
C ALA C 83 5.77 -31.60 14.94
N THR C 84 4.51 -31.31 15.25
CA THR C 84 3.94 -30.03 14.89
C THR C 84 4.29 -29.10 16.04
N VAL C 85 5.37 -28.36 15.82
CA VAL C 85 5.87 -27.39 16.77
C VAL C 85 6.07 -26.11 15.97
N GLN C 86 5.58 -24.99 16.48
CA GLN C 86 5.68 -23.72 15.74
C GLN C 86 6.24 -22.56 16.58
N LYS C 87 7.22 -21.83 16.06
CA LYS C 87 7.72 -20.62 16.75
C LYS C 87 6.62 -19.58 16.72
N GLN C 88 6.47 -18.89 17.83
CA GLN C 88 5.47 -17.85 17.99
C GLN C 88 6.14 -16.57 18.49
N LEU C 89 5.85 -15.47 17.80
CA LEU C 89 6.33 -14.14 18.16
C LEU C 89 5.11 -13.35 18.60
N ILE C 90 5.08 -13.01 19.89
CA ILE C 90 4.00 -12.26 20.51
C ILE C 90 4.32 -10.77 20.43
N ARG C 91 3.34 -9.98 20.04
CA ARG C 91 3.50 -8.53 20.00
C ARG C 91 2.65 -7.93 21.10
N ILE C 92 3.23 -6.99 21.84
CA ILE C 92 2.58 -6.35 22.99
C ILE C 92 2.88 -4.86 23.00
N SER C 93 1.83 -4.05 23.21
CA SER C 93 2.01 -2.60 23.31
C SER C 93 1.72 -2.09 24.71
N ALA C 94 2.42 -1.02 25.10
CA ALA C 94 2.18 -0.33 26.36
C ALA C 94 2.05 1.14 25.93
N THR C 95 0.90 1.73 26.15
CA THR C 95 0.71 3.08 25.68
C THR C 95 0.52 4.03 26.84
N VAL C 96 1.37 5.05 26.92
CA VAL C 96 1.25 6.07 27.94
C VAL C 96 0.23 7.11 27.46
N ILE C 97 -0.63 7.55 28.38
CA ILE C 97 -1.67 8.52 28.05
C ILE C 97 -1.54 9.58 29.10
N VAL C 98 -0.99 10.74 28.72
CA VAL C 98 -0.73 11.85 29.67
C VAL C 98 -1.04 13.22 29.00
N PRO C 99 -1.55 14.21 29.75
CA PRO C 99 -1.87 15.52 29.13
C PRO C 99 -0.75 16.26 28.36
N GLN C 100 0.40 16.52 28.97
CA GLN C 100 1.47 17.26 28.26
C GLN C 100 2.42 16.37 27.49
N ILE C 101 2.78 16.83 26.29
CA ILE C 101 3.65 16.08 25.39
C ILE C 101 5.01 15.65 26.01
N SER C 102 5.61 16.55 26.78
CA SER C 102 6.90 16.28 27.43
C SER C 102 6.80 15.26 28.56
N ASP C 103 5.67 15.26 29.27
CA ASP C 103 5.42 14.29 30.32
C ASP C 103 5.24 12.91 29.68
N ALA C 104 4.67 12.89 28.48
CA ALA C 104 4.47 11.63 27.71
C ALA C 104 5.80 11.02 27.33
N ILE C 105 6.69 11.86 26.81
CA ILE C 105 8.01 11.41 26.44
C ILE C 105 8.75 10.83 27.66
N ASN C 106 8.76 11.57 28.77
CA ASN C 106 9.42 11.09 30.01
C ASN C 106 8.82 9.77 30.48
N ALA C 107 7.50 9.64 30.30
CA ALA C 107 6.79 8.42 30.68
C ALA C 107 7.26 7.24 29.82
N LEU C 108 7.31 7.42 28.49
CA LEU C 108 7.88 6.38 27.61
C LEU C 108 9.24 5.88 28.07
N ASP C 109 10.12 6.82 28.46
CA ASP C 109 11.46 6.47 28.95
C ASP C 109 11.39 5.51 30.15
N ARG C 110 10.45 5.77 31.06
CA ARG C 110 10.23 4.90 32.22
C ARG C 110 9.79 3.48 31.84
N LEU C 111 8.98 3.33 30.78
CA LEU C 111 8.52 2.00 30.33
C LEU C 111 9.65 1.17 29.73
N ARG C 112 10.43 1.83 28.87
CA ARG C 112 11.57 1.24 28.19
C ARG C 112 12.54 0.66 29.24
N ARG C 113 12.89 1.48 30.22
CA ARG C 113 13.79 1.14 31.31
C ARG C 113 13.20 0.03 32.21
N SER C 114 11.89 0.06 32.39
CA SER C 114 11.20 -0.88 33.24
C SER C 114 11.07 -2.26 32.59
N LEU C 115 10.67 -2.26 31.32
CA LEU C 115 10.37 -3.49 30.57
C LEU C 115 11.49 -4.16 29.75
N GLY C 116 12.33 -3.36 29.10
CA GLY C 116 13.41 -3.91 28.30
C GLY C 116 14.19 -5.02 28.98
N GLY C 117 14.22 -6.19 28.35
CA GLY C 117 15.00 -7.34 28.83
C GLY C 117 14.48 -8.21 29.98
N ILE C 118 13.21 -8.10 30.35
CA ILE C 118 12.73 -8.91 31.47
C ILE C 118 12.39 -10.31 31.05
N GLU C 119 12.49 -11.23 32.00
CA GLU C 119 12.16 -12.60 31.74
C GLU C 119 10.63 -12.71 31.76
N LEU C 120 10.10 -13.47 30.82
CA LEU C 120 8.66 -13.68 30.73
C LEU C 120 8.41 -15.16 30.93
N PRO C 121 7.32 -15.51 31.63
CA PRO C 121 7.07 -16.92 31.92
C PRO C 121 6.76 -17.77 30.67
N ASP C 122 7.46 -18.89 30.55
CA ASP C 122 7.25 -19.87 29.47
C ASP C 122 7.62 -19.34 28.09
N CYS C 123 8.52 -18.37 28.08
CA CYS C 123 9.03 -17.79 26.84
C CYS C 123 10.52 -18.16 26.67
N ASP C 124 10.95 -18.30 25.41
CA ASP C 124 12.32 -18.71 25.08
C ASP C 124 13.41 -17.68 25.36
N ARG C 125 13.03 -16.44 25.59
CA ARG C 125 14.03 -15.39 25.75
C ARG C 125 13.44 -14.20 26.50
N PRO C 126 14.30 -13.23 26.87
CA PRO C 126 13.82 -12.02 27.52
C PRO C 126 12.91 -11.20 26.62
N LEU C 127 12.23 -10.24 27.22
CA LEU C 127 11.41 -9.30 26.46
C LEU C 127 12.35 -8.41 25.64
N TRP C 128 11.99 -8.17 24.39
CA TRP C 128 12.77 -7.30 23.52
C TRP C 128 11.93 -6.08 23.11
N LEU C 129 12.59 -4.93 22.99
CA LEU C 129 11.90 -3.74 22.51
C LEU C 129 11.79 -3.86 20.99
N GLU C 130 10.72 -3.32 20.42
CA GLU C 130 10.54 -3.37 18.97
C GLU C 130 10.50 -1.94 18.40
N SER C 131 9.57 -1.13 18.91
CA SER C 131 9.44 0.25 18.47
C SER C 131 8.73 1.18 19.45
N GLU C 132 8.79 2.47 19.16
CA GLU C 132 8.07 3.49 19.87
C GLU C 132 7.39 4.26 18.79
N LYS C 133 6.10 4.55 18.98
CA LYS C 133 5.36 5.33 18.00
C LYS C 133 4.36 6.26 18.66
N TYR C 134 4.22 7.43 18.03
CA TYR C 134 3.26 8.41 18.45
C TYR C 134 1.89 7.94 17.99
N ILE C 135 1.02 7.71 18.95
CA ILE C 135 -0.34 7.26 18.68
C ILE C 135 -1.25 8.45 18.37
N GLY C 136 -1.19 9.47 19.21
CA GLY C 136 -2.03 10.66 18.98
C GLY C 136 -2.28 11.56 20.17
N ASP C 137 -3.25 12.44 20.00
CA ASP C 137 -3.56 13.41 21.05
C ASP C 137 -5.05 13.63 21.28
N ALA C 138 -5.84 12.58 21.14
CA ALA C 138 -7.28 12.66 21.33
C ALA C 138 -7.71 13.01 22.77
N ALA C 139 -8.82 13.74 22.85
CA ALA C 139 -9.42 14.14 24.12
C ALA C 139 -8.44 14.77 25.10
N ASN C 140 -7.53 15.58 24.56
CA ASN C 140 -6.53 16.32 25.32
C ASN C 140 -5.54 15.49 26.11
N PHE C 141 -5.18 14.34 25.56
CA PHE C 141 -4.17 13.47 26.17
C PHE C 141 -3.22 13.00 25.09
N CYS C 142 -1.93 13.23 25.32
CA CYS C 142 -0.88 12.80 24.41
C CYS C 142 -0.58 11.31 24.60
N ARG C 143 -0.51 10.57 23.51
CA ARG C 143 -0.34 9.14 23.56
C ARG C 143 0.86 8.63 22.77
N TYR C 144 1.69 7.84 23.45
CA TYR C 144 2.87 7.20 22.86
C TYR C 144 2.87 5.72 23.22
N ALA C 145 3.16 4.86 22.26
CA ALA C 145 3.18 3.45 22.54
C ALA C 145 4.58 2.86 22.43
N LEU C 146 4.87 1.92 23.31
CA LEU C 146 6.13 1.16 23.23
C LEU C 146 5.65 -0.23 22.81
N ASP C 147 6.12 -0.70 21.66
CA ASP C 147 5.78 -2.01 21.13
C ASP C 147 6.91 -2.94 21.47
N MET C 148 6.58 -4.12 21.98
CA MET C 148 7.55 -5.10 22.43
C MET C 148 7.25 -6.50 21.92
N THR C 149 8.27 -7.36 21.89
CA THR C 149 8.04 -8.74 21.47
C THR C 149 8.55 -9.76 22.46
N ALA C 150 7.86 -10.88 22.45
CA ALA C 150 8.20 -12.02 23.27
C ALA C 150 8.17 -13.24 22.36
N SER C 151 8.89 -14.29 22.74
CA SER C 151 8.96 -15.46 21.92
C SER C 151 8.76 -16.74 22.71
N THR C 152 8.04 -17.68 22.10
CA THR C 152 7.78 -18.97 22.73
C THR C 152 7.60 -20.04 21.65
N LEU C 153 7.52 -21.30 22.07
CA LEU C 153 7.29 -22.40 21.13
C LEU C 153 5.91 -22.96 21.33
N PHE C 154 5.06 -22.85 20.31
CA PHE C 154 3.76 -23.49 20.41
C PHE C 154 3.97 -24.97 20.16
N ILE C 155 3.49 -25.80 21.07
CA ILE C 155 3.60 -27.24 20.92
C ILE C 155 2.19 -27.81 20.85
N ALA C 156 1.87 -28.38 19.70
CA ALA C 156 0.57 -28.97 19.46
C ALA C 156 0.36 -30.29 20.21
N GLU C 157 -0.90 -30.57 20.54
CA GLU C 157 -1.26 -31.81 21.22
C GLU C 157 -1.23 -33.01 20.28
N GLN C 158 -1.19 -34.20 20.88
CA GLN C 158 -1.24 -35.48 20.16
C GLN C 158 -2.70 -35.94 20.07
N ASN D 23 -10.02 -39.08 -3.29
CA ASN D 23 -11.03 -38.30 -2.53
C ASN D 23 -10.71 -36.80 -2.50
N ALA D 24 -11.47 -36.04 -3.28
CA ALA D 24 -11.31 -34.61 -3.39
C ALA D 24 -11.77 -33.95 -2.08
N MET D 25 -11.08 -32.89 -1.67
CA MET D 25 -11.44 -32.20 -0.46
C MET D 25 -12.73 -31.40 -0.59
N GLU D 26 -13.59 -31.56 0.41
CA GLU D 26 -14.83 -30.81 0.50
C GLU D 26 -14.55 -29.74 1.52
N THR D 27 -14.54 -28.49 1.05
CA THR D 27 -14.22 -27.31 1.85
C THR D 27 -15.09 -27.18 3.11
N LEU D 28 -16.37 -27.50 2.99
CA LEU D 28 -17.31 -27.41 4.09
C LEU D 28 -16.99 -28.44 5.17
N SER D 29 -16.51 -29.62 4.75
CA SER D 29 -16.11 -30.67 5.69
C SER D 29 -14.93 -30.22 6.55
N VAL D 30 -13.97 -29.50 5.96
CA VAL D 30 -12.85 -28.94 6.74
C VAL D 30 -13.40 -27.98 7.82
N ILE D 31 -14.23 -27.03 7.40
CA ILE D 31 -14.89 -26.07 8.32
C ILE D 31 -15.67 -26.82 9.43
N HIS D 32 -16.40 -27.88 9.05
CA HIS D 32 -17.18 -28.64 10.01
C HIS D 32 -16.31 -29.37 11.04
N THR D 33 -15.19 -29.89 10.58
CA THR D 33 -14.24 -30.59 11.43
C THR D 33 -13.68 -29.63 12.49
N VAL D 34 -13.23 -28.46 12.04
CA VAL D 34 -12.71 -27.41 12.92
C VAL D 34 -13.78 -27.02 13.94
N ALA D 35 -14.99 -26.72 13.47
CA ALA D 35 -16.10 -26.36 14.36
C ALA D 35 -16.46 -27.43 15.39
N ASN D 36 -16.57 -28.68 14.94
CA ASN D 36 -16.89 -29.80 15.81
C ASN D 36 -15.78 -30.05 16.85
N ARG D 37 -14.52 -29.93 16.43
CA ARG D 37 -13.39 -30.18 17.33
C ARG D 37 -13.43 -29.14 18.46
N LEU D 38 -13.72 -27.90 18.09
CA LEU D 38 -13.88 -26.81 19.04
C LEU D 38 -15.00 -27.04 20.05
N ARG D 39 -16.16 -27.51 19.58
CA ARG D 39 -17.29 -27.78 20.46
C ARG D 39 -17.02 -28.90 21.45
N GLU D 40 -16.36 -29.95 20.99
CA GLU D 40 -16.05 -31.07 21.86
C GLU D 40 -15.08 -30.70 22.98
N LEU D 41 -14.02 -29.94 22.67
CA LEU D 41 -13.04 -29.58 23.70
C LEU D 41 -13.42 -28.35 24.51
N ASN D 42 -14.41 -27.60 24.04
CA ASN D 42 -14.86 -26.36 24.70
C ASN D 42 -16.38 -26.25 24.78
N PRO D 43 -17.03 -27.08 25.63
CA PRO D 43 -18.52 -27.14 25.69
C PRO D 43 -19.26 -25.86 26.12
N ASP D 44 -18.54 -24.92 26.73
CA ASP D 44 -19.16 -23.69 27.17
C ASP D 44 -19.09 -22.58 26.13
N MET D 45 -18.34 -22.82 25.07
CA MET D 45 -18.24 -21.85 23.99
C MET D 45 -19.40 -22.00 23.00
N ASP D 46 -19.76 -20.90 22.35
CA ASP D 46 -20.84 -20.92 21.38
C ASP D 46 -20.20 -20.81 19.99
N ILE D 47 -20.13 -21.94 19.29
CA ILE D 47 -19.44 -21.98 17.99
C ILE D 47 -20.40 -21.83 16.81
N HIS D 48 -20.15 -20.85 15.94
CA HIS D 48 -21.01 -20.63 14.77
C HIS D 48 -20.24 -20.52 13.47
N ILE D 49 -20.90 -20.92 12.38
CA ILE D 49 -20.41 -20.68 11.04
C ILE D 49 -21.51 -19.74 10.56
N SER D 50 -21.19 -18.45 10.55
CA SER D 50 -22.16 -17.40 10.23
C SER D 50 -21.84 -16.65 8.93
N SER D 51 -22.88 -16.01 8.37
CA SER D 51 -22.75 -15.14 7.18
C SER D 51 -22.31 -13.74 7.61
N THR D 52 -22.38 -13.44 8.90
CA THR D 52 -22.01 -12.12 9.41
C THR D 52 -20.53 -12.07 9.75
N ASP D 53 -19.89 -10.96 9.39
CA ASP D 53 -18.48 -10.74 9.70
C ASP D 53 -18.28 -10.61 11.22
N ALA D 54 -17.36 -11.41 11.73
CA ALA D 54 -17.03 -11.43 13.15
C ALA D 54 -16.45 -10.11 13.67
N LYS D 55 -16.15 -9.18 12.77
CA LYS D 55 -15.74 -7.85 13.19
C LYS D 55 -16.97 -7.08 13.72
N VAL D 56 -18.16 -7.42 13.21
CA VAL D 56 -19.40 -6.70 13.61
C VAL D 56 -20.49 -7.53 14.30
N TYR D 57 -20.43 -8.87 14.22
CA TYR D 57 -21.42 -9.77 14.83
C TYR D 57 -21.70 -9.42 16.29
N ILE D 58 -22.96 -9.44 16.69
CA ILE D 58 -23.32 -9.07 18.06
C ILE D 58 -24.09 -10.20 18.71
N PRO D 59 -23.42 -10.96 19.59
CA PRO D 59 -24.13 -12.01 20.29
C PRO D 59 -25.08 -11.44 21.34
N THR D 60 -26.12 -12.19 21.67
CA THR D 60 -26.99 -11.80 22.77
C THR D 60 -26.36 -12.56 23.93
N GLY D 61 -26.29 -11.96 25.11
CA GLY D 61 -25.68 -12.69 26.20
C GLY D 61 -24.17 -12.54 26.22
N GLN D 62 -23.56 -12.99 27.31
CA GLN D 62 -22.13 -12.80 27.49
C GLN D 62 -21.24 -14.06 27.55
N GLN D 63 -21.71 -15.18 27.00
CA GLN D 63 -20.89 -16.39 26.94
C GLN D 63 -19.80 -16.21 25.86
N VAL D 64 -18.78 -17.06 25.85
CA VAL D 64 -17.74 -16.96 24.83
C VAL D 64 -18.31 -17.41 23.48
N THR D 65 -18.25 -16.53 22.48
CA THR D 65 -18.77 -16.82 21.15
C THR D 65 -17.61 -16.97 20.19
N VAL D 66 -17.68 -17.95 19.29
CA VAL D 66 -16.63 -18.16 18.30
C VAL D 66 -17.25 -18.31 16.91
N LEU D 67 -16.80 -17.46 15.99
CA LEU D 67 -17.29 -17.55 14.62
C LEU D 67 -16.19 -18.15 13.73
N ILE D 68 -16.55 -19.22 13.01
CA ILE D 68 -15.64 -19.88 12.10
C ILE D 68 -15.97 -19.39 10.68
N HIS D 69 -14.93 -19.09 9.91
CA HIS D 69 -15.09 -18.55 8.57
C HIS D 69 -14.03 -19.07 7.63
N TYR D 70 -14.45 -19.36 6.41
CA TYR D 70 -13.55 -19.80 5.36
C TYR D 70 -13.14 -18.54 4.63
N CYS D 71 -11.84 -18.21 4.71
CA CYS D 71 -11.35 -16.98 4.09
C CYS D 71 -11.07 -17.10 2.59
N GLY D 72 -10.57 -18.26 2.17
CA GLY D 72 -10.26 -18.45 0.77
C GLY D 72 -9.05 -19.36 0.59
N SER D 73 -8.62 -19.52 -0.65
CA SER D 73 -7.48 -20.36 -0.97
C SER D 73 -6.55 -19.70 -1.95
N VAL D 74 -5.32 -20.20 -1.99
CA VAL D 74 -4.36 -19.79 -2.99
C VAL D 74 -3.94 -21.12 -3.62
N PHE D 75 -3.85 -21.12 -4.95
CA PHE D 75 -3.47 -22.31 -5.72
C PHE D 75 -2.16 -22.05 -6.39
N ALA D 76 -1.21 -22.96 -6.21
CA ALA D 76 0.08 -22.83 -6.84
C ALA D 76 -0.08 -23.30 -8.28
N GLU D 77 0.75 -22.81 -9.19
CA GLU D 77 0.71 -23.26 -10.57
C GLU D 77 1.07 -24.74 -10.58
N PRO D 78 0.54 -25.51 -11.55
CA PRO D 78 0.96 -26.90 -11.67
C PRO D 78 2.47 -26.93 -11.94
N GLU D 79 3.16 -27.91 -11.38
CA GLU D 79 4.62 -28.01 -11.43
C GLU D 79 5.32 -28.19 -12.78
N ASN D 80 4.61 -27.84 -13.86
CA ASN D 80 5.09 -28.01 -15.24
C ASN D 80 5.29 -29.49 -15.56
N THR D 81 4.26 -30.28 -15.27
CA THR D 81 4.24 -31.71 -15.57
C THR D 81 2.97 -32.00 -16.38
N ASP D 82 2.88 -33.22 -16.91
CA ASP D 82 1.75 -33.60 -17.77
C ASP D 82 0.33 -33.58 -17.17
N ALA D 83 0.20 -33.28 -15.88
CA ALA D 83 -1.11 -33.25 -15.22
C ALA D 83 -1.43 -31.92 -14.54
N THR D 84 -2.68 -31.47 -14.65
CA THR D 84 -3.08 -30.23 -13.97
C THR D 84 -3.38 -30.57 -12.50
N VAL D 85 -2.31 -30.49 -11.71
CA VAL D 85 -2.35 -30.78 -10.30
C VAL D 85 -1.86 -29.50 -9.59
N GLN D 86 -2.70 -28.92 -8.73
CA GLN D 86 -2.35 -27.67 -8.06
C GLN D 86 -2.43 -27.74 -6.54
N LYS D 87 -1.37 -27.30 -5.87
CA LYS D 87 -1.36 -27.28 -4.40
C LYS D 87 -2.28 -26.16 -3.94
N GLN D 88 -3.10 -26.46 -2.95
CA GLN D 88 -4.05 -25.51 -2.47
C GLN D 88 -3.81 -25.20 -0.99
N LEU D 89 -3.56 -23.92 -0.72
CA LEU D 89 -3.38 -23.43 0.63
C LEU D 89 -4.70 -22.81 1.05
N ILE D 90 -5.38 -23.44 2.01
CA ILE D 90 -6.69 -23.02 2.53
C ILE D 90 -6.54 -22.15 3.78
N ARG D 91 -7.23 -21.01 3.81
CA ARG D 91 -7.21 -20.12 4.98
C ARG D 91 -8.56 -20.12 5.70
N ILE D 92 -8.47 -20.33 7.02
CA ILE D 92 -9.64 -20.39 7.88
C ILE D 92 -9.43 -19.58 9.15
N SER D 93 -10.43 -18.78 9.51
CA SER D 93 -10.33 -18.02 10.76
C SER D 93 -11.33 -18.50 11.82
N ALA D 94 -10.98 -18.26 13.07
CA ALA D 94 -11.79 -18.54 14.23
C ALA D 94 -11.72 -17.25 15.08
N THR D 95 -12.82 -16.54 15.21
CA THR D 95 -12.80 -15.27 15.94
C THR D 95 -13.57 -15.36 17.24
N VAL D 96 -12.88 -15.05 18.34
CA VAL D 96 -13.51 -15.04 19.66
C VAL D 96 -14.15 -13.67 19.82
N ILE D 97 -15.38 -13.66 20.30
CA ILE D 97 -16.15 -12.45 20.53
C ILE D 97 -16.58 -12.58 21.99
N VAL D 98 -15.92 -11.82 22.85
CA VAL D 98 -16.12 -11.93 24.30
C VAL D 98 -16.13 -10.51 24.89
N PRO D 99 -17.02 -10.22 25.85
CA PRO D 99 -17.09 -8.88 26.48
C PRO D 99 -15.78 -8.39 27.13
N GLN D 100 -15.20 -9.17 28.05
CA GLN D 100 -13.96 -8.75 28.71
C GLN D 100 -12.67 -9.21 28.03
N ILE D 101 -11.74 -8.27 27.89
CA ILE D 101 -10.46 -8.52 27.22
C ILE D 101 -9.67 -9.75 27.71
N SER D 102 -9.61 -9.93 29.03
CA SER D 102 -8.86 -11.04 29.61
C SER D 102 -9.50 -12.39 29.30
N ASP D 103 -10.83 -12.41 29.19
CA ASP D 103 -11.55 -13.62 28.84
C ASP D 103 -11.40 -13.93 27.33
N ALA D 104 -11.19 -12.88 26.53
CA ALA D 104 -10.97 -13.02 25.08
C ALA D 104 -9.62 -13.69 24.81
N ILE D 105 -8.62 -13.30 25.60
CA ILE D 105 -7.27 -13.85 25.51
C ILE D 105 -7.21 -15.32 26.01
N ASN D 106 -7.80 -15.60 27.17
CA ASN D 106 -7.87 -16.99 27.66
C ASN D 106 -8.53 -17.92 26.62
N ALA D 107 -9.57 -17.41 25.95
CA ALA D 107 -10.31 -18.16 24.92
C ALA D 107 -9.46 -18.40 23.66
N LEU D 108 -8.63 -17.42 23.34
CA LEU D 108 -7.73 -17.50 22.18
C LEU D 108 -6.69 -18.61 22.43
N ASP D 109 -6.15 -18.66 23.65
CA ASP D 109 -5.25 -19.74 24.05
C ASP D 109 -5.95 -21.12 23.93
N ARG D 110 -7.23 -21.17 24.32
CA ARG D 110 -8.03 -22.38 24.19
C ARG D 110 -8.20 -22.86 22.74
N LEU D 111 -8.40 -21.93 21.80
CA LEU D 111 -8.57 -22.32 20.40
C LEU D 111 -7.27 -22.90 19.87
N ARG D 112 -6.16 -22.23 20.19
CA ARG D 112 -4.88 -22.69 19.67
C ARG D 112 -4.54 -24.12 20.17
N ARG D 113 -4.83 -24.42 21.44
CA ARG D 113 -4.55 -25.72 22.02
C ARG D 113 -5.45 -26.81 21.46
N SER D 114 -6.68 -26.40 21.12
CA SER D 114 -7.69 -27.28 20.57
C SER D 114 -7.46 -27.60 19.11
N LEU D 115 -6.98 -26.61 18.37
CA LEU D 115 -6.88 -26.74 16.90
C LEU D 115 -5.53 -27.00 16.29
N GLY D 116 -4.48 -26.45 16.89
CA GLY D 116 -3.13 -26.63 16.38
C GLY D 116 -2.79 -28.08 16.21
N GLY D 117 -2.40 -28.45 14.99
CA GLY D 117 -1.97 -29.83 14.70
C GLY D 117 -3.02 -30.89 14.38
N ILE D 118 -4.30 -30.54 14.41
CA ILE D 118 -5.31 -31.56 14.14
C ILE D 118 -5.36 -32.01 12.68
N GLU D 119 -5.80 -33.25 12.48
CA GLU D 119 -5.94 -33.79 11.13
C GLU D 119 -7.27 -33.34 10.56
N LEU D 120 -7.23 -32.99 9.28
CA LEU D 120 -8.40 -32.50 8.58
C LEU D 120 -8.68 -33.45 7.42
N PRO D 121 -9.96 -33.75 7.17
CA PRO D 121 -10.33 -34.69 6.10
C PRO D 121 -9.80 -34.31 4.71
N ASP D 122 -9.12 -35.25 4.06
CA ASP D 122 -8.57 -35.09 2.70
C ASP D 122 -7.46 -34.03 2.56
N CYS D 123 -6.88 -33.63 3.69
CA CYS D 123 -5.76 -32.68 3.72
C CYS D 123 -4.45 -33.47 3.80
N ASP D 124 -3.39 -32.94 3.18
CA ASP D 124 -2.12 -33.65 3.12
C ASP D 124 -1.19 -33.43 4.33
N ARG D 125 -1.65 -32.62 5.29
CA ARG D 125 -0.89 -32.33 6.50
C ARG D 125 -1.80 -31.80 7.59
N PRO D 126 -1.31 -31.71 8.85
CA PRO D 126 -2.16 -31.19 9.92
C PRO D 126 -2.47 -29.71 9.79
N LEU D 127 -3.45 -29.25 10.56
CA LEU D 127 -3.82 -27.84 10.61
C LEU D 127 -2.68 -27.09 11.28
N TRP D 128 -2.30 -25.98 10.67
CA TRP D 128 -1.18 -25.15 11.12
C TRP D 128 -1.69 -23.78 11.54
N LEU D 129 -1.14 -23.26 12.62
CA LEU D 129 -1.52 -21.92 13.07
C LEU D 129 -0.76 -20.92 12.21
N GLU D 130 -1.40 -19.79 11.88
CA GLU D 130 -0.75 -18.79 11.05
C GLU D 130 -0.54 -17.48 11.79
N SER D 131 -1.61 -16.99 12.41
CA SER D 131 -1.52 -15.76 13.18
C SER D 131 -2.71 -15.51 14.10
N GLU D 132 -2.51 -14.60 15.05
CA GLU D 132 -3.54 -14.13 15.97
C GLU D 132 -3.51 -12.62 15.82
N LYS D 133 -4.70 -12.04 15.75
CA LYS D 133 -4.86 -10.62 15.45
C LYS D 133 -6.05 -10.02 16.18
N TYR D 134 -5.84 -8.83 16.72
CA TYR D 134 -6.90 -8.10 17.38
C TYR D 134 -7.77 -7.47 16.30
N ILE D 135 -9.05 -7.82 16.31
CA ILE D 135 -9.99 -7.31 15.31
C ILE D 135 -10.68 -6.00 15.75
N GLY D 136 -11.11 -5.93 17.00
CA GLY D 136 -11.77 -4.72 17.53
C GLY D 136 -12.60 -4.93 18.79
N ASP D 137 -13.34 -3.88 19.17
CA ASP D 137 -14.17 -3.91 20.38
C ASP D 137 -15.61 -3.40 20.12
N ALA D 138 -16.14 -3.70 18.94
CA ALA D 138 -17.49 -3.25 18.55
C ALA D 138 -18.60 -3.77 19.45
N ALA D 139 -19.56 -2.89 19.75
CA ALA D 139 -20.72 -3.20 20.59
C ALA D 139 -20.38 -3.79 21.96
N ASN D 140 -19.20 -3.41 22.47
CA ASN D 140 -18.69 -3.87 23.77
C ASN D 140 -18.31 -5.36 23.91
N PHE D 141 -17.78 -5.91 22.82
CA PHE D 141 -17.25 -7.27 22.76
C PHE D 141 -15.85 -7.20 22.15
N CYS D 142 -14.85 -7.71 22.87
CA CYS D 142 -13.49 -7.77 22.37
C CYS D 142 -13.43 -8.89 21.34
N ARG D 143 -12.70 -8.67 20.26
CA ARG D 143 -12.61 -9.62 19.16
C ARG D 143 -11.17 -9.90 18.72
N TYR D 144 -10.78 -11.16 18.78
CA TYR D 144 -9.48 -11.63 18.34
C TYR D 144 -9.68 -12.78 17.37
N ALA D 145 -8.92 -12.77 16.29
CA ALA D 145 -9.02 -13.82 15.29
C ALA D 145 -7.78 -14.71 15.29
N LEU D 146 -8.00 -16.02 15.19
CA LEU D 146 -6.89 -16.96 15.03
C LEU D 146 -6.95 -17.42 13.56
N ASP D 147 -5.90 -17.08 12.82
CA ASP D 147 -5.82 -17.47 11.40
C ASP D 147 -5.07 -18.78 11.32
N MET D 148 -5.57 -19.71 10.53
CA MET D 148 -4.97 -21.02 10.40
C MET D 148 -4.89 -21.41 8.95
N THR D 149 -3.99 -22.32 8.63
CA THR D 149 -3.92 -22.82 7.27
C THR D 149 -4.02 -24.34 7.21
N ALA D 150 -4.67 -24.80 6.15
CA ALA D 150 -4.76 -26.20 5.83
C ALA D 150 -4.18 -26.35 4.43
N SER D 151 -3.83 -27.57 4.06
CA SER D 151 -3.28 -27.77 2.74
C SER D 151 -3.85 -29.03 2.13
N THR D 152 -4.14 -28.96 0.84
CA THR D 152 -4.61 -30.12 0.13
C THR D 152 -4.15 -30.03 -1.34
N LEU D 153 -4.34 -31.11 -2.08
CA LEU D 153 -3.91 -31.16 -3.46
C LEU D 153 -5.14 -31.18 -4.37
N PHE D 154 -5.33 -30.14 -5.17
CA PHE D 154 -6.44 -30.14 -6.12
C PHE D 154 -6.03 -30.89 -7.38
N ILE D 155 -6.83 -31.86 -7.78
CA ILE D 155 -6.52 -32.65 -8.98
C ILE D 155 -7.64 -32.45 -10.01
N ALA D 156 -7.27 -31.90 -11.16
CA ALA D 156 -8.22 -31.60 -12.21
C ALA D 156 -8.85 -32.84 -12.83
N GLU D 157 -10.14 -32.71 -13.16
CA GLU D 157 -10.87 -33.75 -13.88
C GLU D 157 -10.36 -33.80 -15.32
N GLN D 158 -11.02 -34.63 -16.14
CA GLN D 158 -10.68 -34.74 -17.55
C GLN D 158 -11.88 -34.38 -18.41
N ASN E 23 -5.02 -18.64 -35.74
CA ASN E 23 -6.28 -18.16 -35.10
C ASN E 23 -6.07 -17.36 -33.82
N ALA E 24 -6.44 -16.08 -33.87
CA ALA E 24 -6.31 -15.18 -32.72
C ALA E 24 -7.31 -15.54 -31.64
N MET E 25 -6.92 -15.29 -30.39
CA MET E 25 -7.76 -15.54 -29.23
C MET E 25 -8.84 -14.47 -29.18
N GLU E 26 -10.08 -14.91 -29.03
CA GLU E 26 -11.23 -14.02 -28.91
C GLU E 26 -11.65 -14.12 -27.46
N THR E 27 -11.56 -13.01 -26.75
CA THR E 27 -11.82 -12.96 -25.32
C THR E 27 -13.22 -13.40 -24.91
N LEU E 28 -14.22 -12.96 -25.64
CA LEU E 28 -15.60 -13.30 -25.32
C LEU E 28 -15.83 -14.81 -25.46
N SER E 29 -15.21 -15.41 -26.47
CA SER E 29 -15.30 -16.83 -26.71
C SER E 29 -14.72 -17.65 -25.54
N VAL E 30 -13.65 -17.17 -24.92
CA VAL E 30 -13.06 -17.85 -23.75
C VAL E 30 -14.00 -17.76 -22.56
N ILE E 31 -14.67 -16.61 -22.43
CA ILE E 31 -15.64 -16.36 -21.37
C ILE E 31 -16.84 -17.29 -21.58
N HIS E 32 -17.23 -17.46 -22.84
CA HIS E 32 -18.35 -18.31 -23.18
C HIS E 32 -18.07 -19.78 -22.91
N THR E 33 -16.87 -20.21 -23.24
CA THR E 33 -16.47 -21.58 -22.99
C THR E 33 -16.57 -21.89 -21.48
N VAL E 34 -16.07 -20.98 -20.65
CA VAL E 34 -16.17 -21.12 -19.20
C VAL E 34 -17.65 -21.19 -18.80
N ALA E 35 -18.45 -20.25 -19.29
CA ALA E 35 -19.88 -20.25 -19.01
C ALA E 35 -20.55 -21.57 -19.42
N ASN E 36 -20.38 -21.96 -20.67
CA ASN E 36 -21.01 -23.16 -21.17
C ASN E 36 -20.62 -24.44 -20.41
N ARG E 37 -19.32 -24.55 -20.12
CA ARG E 37 -18.78 -25.68 -19.37
C ARG E 37 -19.48 -25.75 -18.00
N LEU E 38 -19.68 -24.58 -17.38
CA LEU E 38 -20.43 -24.51 -16.13
C LEU E 38 -21.88 -24.95 -16.27
N ARG E 39 -22.57 -24.52 -17.33
CA ARG E 39 -23.96 -24.91 -17.56
C ARG E 39 -24.15 -26.39 -17.80
N GLU E 40 -23.21 -26.99 -18.55
CA GLU E 40 -23.26 -28.42 -18.85
C GLU E 40 -23.06 -29.33 -17.63
N LEU E 41 -22.21 -28.89 -16.71
CA LEU E 41 -21.93 -29.66 -15.50
C LEU E 41 -22.79 -29.26 -14.30
N ASN E 42 -23.48 -28.14 -14.41
CA ASN E 42 -24.30 -27.64 -13.31
C ASN E 42 -25.62 -27.03 -13.82
N PRO E 43 -26.58 -27.88 -14.23
CA PRO E 43 -27.83 -27.39 -14.84
C PRO E 43 -28.76 -26.57 -13.92
N ASP E 44 -28.64 -26.74 -12.62
CA ASP E 44 -29.49 -26.01 -11.69
C ASP E 44 -28.91 -24.65 -11.28
N MET E 45 -27.71 -24.33 -11.76
CA MET E 45 -27.13 -23.02 -11.51
C MET E 45 -27.56 -22.06 -12.60
N ASP E 46 -27.68 -20.80 -12.21
CA ASP E 46 -28.12 -19.68 -13.06
C ASP E 46 -26.84 -18.91 -13.40
N ILE E 47 -26.26 -19.22 -14.55
CA ILE E 47 -24.96 -18.67 -14.93
C ILE E 47 -25.04 -17.45 -15.84
N HIS E 48 -24.39 -16.37 -15.41
CA HIS E 48 -24.43 -15.11 -16.14
C HIS E 48 -23.08 -14.46 -16.42
N ILE E 49 -23.13 -13.60 -17.42
CA ILE E 49 -22.05 -12.71 -17.80
C ILE E 49 -22.78 -11.38 -17.69
N SER E 50 -22.56 -10.71 -16.56
CA SER E 50 -23.26 -9.46 -16.22
C SER E 50 -22.37 -8.23 -16.13
N SER E 51 -23.00 -7.06 -16.23
CA SER E 51 -22.27 -5.80 -16.12
C SER E 51 -22.33 -5.27 -14.69
N THR E 52 -23.03 -6.02 -13.82
CA THR E 52 -23.13 -5.67 -12.41
C THR E 52 -22.00 -6.39 -11.67
N ASP E 53 -21.33 -5.69 -10.76
CA ASP E 53 -20.26 -6.28 -9.96
C ASP E 53 -20.90 -7.38 -9.12
N ALA E 54 -20.30 -8.57 -9.18
CA ALA E 54 -20.82 -9.70 -8.44
C ALA E 54 -20.86 -9.44 -6.93
N LYS E 55 -20.25 -8.34 -6.50
CA LYS E 55 -20.25 -7.94 -5.09
C LYS E 55 -21.60 -7.41 -4.59
N VAL E 56 -22.38 -6.81 -5.50
CA VAL E 56 -23.65 -6.19 -5.15
C VAL E 56 -24.89 -6.73 -5.89
N TYR E 57 -24.65 -7.47 -6.98
CA TYR E 57 -25.72 -8.07 -7.79
C TYR E 57 -26.72 -8.86 -6.96
N ILE E 58 -28.00 -8.53 -7.08
CA ILE E 58 -29.04 -9.24 -6.33
C ILE E 58 -29.78 -10.25 -7.22
N PRO E 59 -29.58 -11.55 -6.94
CA PRO E 59 -30.26 -12.59 -7.72
C PRO E 59 -31.74 -12.62 -7.42
N THR E 60 -32.51 -13.06 -8.41
CA THR E 60 -33.94 -13.27 -8.24
C THR E 60 -34.09 -14.75 -8.52
N GLY E 61 -34.97 -15.41 -7.77
CA GLY E 61 -35.11 -16.86 -7.92
C GLY E 61 -34.33 -17.60 -6.86
N GLN E 62 -34.50 -18.91 -6.83
CA GLN E 62 -33.88 -19.72 -5.80
C GLN E 62 -32.57 -20.40 -6.21
N GLN E 63 -32.35 -20.50 -7.52
CA GLN E 63 -31.15 -21.13 -8.06
C GLN E 63 -29.87 -20.49 -7.60
N VAL E 64 -28.79 -21.27 -7.58
CA VAL E 64 -27.45 -20.79 -7.25
C VAL E 64 -27.08 -19.91 -8.43
N THR E 65 -26.59 -18.71 -8.17
CA THR E 65 -26.23 -17.79 -9.24
C THR E 65 -24.71 -17.66 -9.32
N VAL E 66 -24.18 -17.71 -10.54
CA VAL E 66 -22.77 -17.55 -10.78
C VAL E 66 -22.55 -16.43 -11.80
N LEU E 67 -21.74 -15.43 -11.44
CA LEU E 67 -21.40 -14.38 -12.38
C LEU E 67 -19.97 -14.58 -12.88
N ILE E 68 -19.82 -14.53 -14.20
CA ILE E 68 -18.54 -14.71 -14.85
C ILE E 68 -18.09 -13.32 -15.33
N HIS E 69 -16.83 -13.02 -15.08
CA HIS E 69 -16.28 -11.70 -15.37
C HIS E 69 -14.85 -11.75 -15.89
N TYR E 70 -14.60 -10.94 -16.90
CA TYR E 70 -13.27 -10.79 -17.43
C TYR E 70 -12.62 -9.66 -16.64
N CYS E 71 -11.61 -10.03 -15.85
CA CYS E 71 -10.89 -9.10 -15.00
C CYS E 71 -9.90 -8.24 -15.78
N GLY E 72 -9.24 -8.85 -16.77
CA GLY E 72 -8.25 -8.12 -17.53
C GLY E 72 -7.10 -9.04 -17.88
N SER E 73 -6.07 -8.48 -18.55
CA SER E 73 -4.91 -9.24 -18.99
C SER E 73 -3.61 -8.50 -18.74
N VAL E 74 -2.52 -9.26 -18.67
CA VAL E 74 -1.17 -8.68 -18.62
C VAL E 74 -0.40 -9.26 -19.83
N PHE E 75 0.29 -8.41 -20.55
CA PHE E 75 1.06 -8.84 -21.71
C PHE E 75 2.54 -8.68 -21.43
N ALA E 76 3.29 -9.77 -21.52
CA ALA E 76 4.73 -9.72 -21.29
C ALA E 76 5.38 -9.09 -22.52
N GLU E 77 6.58 -8.55 -22.34
CA GLU E 77 7.30 -7.93 -23.44
C GLU E 77 7.69 -8.99 -24.48
N PRO E 78 7.79 -8.59 -25.76
CA PRO E 78 8.32 -9.52 -26.77
C PRO E 78 9.72 -9.99 -26.36
N GLU E 79 9.90 -11.31 -26.24
CA GLU E 79 11.18 -11.92 -25.80
C GLU E 79 12.41 -11.77 -26.69
N ASN E 80 13.09 -10.63 -26.64
CA ASN E 80 14.30 -10.36 -27.44
C ASN E 80 14.19 -10.80 -28.91
N THR E 81 13.03 -10.52 -29.50
CA THR E 81 12.72 -10.86 -30.87
C THR E 81 12.30 -9.63 -31.62
N ASP E 82 12.59 -9.61 -32.92
CA ASP E 82 12.21 -8.50 -33.81
C ASP E 82 10.86 -8.75 -34.49
N ALA E 83 9.92 -9.23 -33.68
CA ALA E 83 8.55 -9.51 -34.07
C ALA E 83 7.73 -9.22 -32.83
N THR E 84 6.66 -8.44 -32.96
CA THR E 84 5.83 -8.14 -31.80
C THR E 84 4.91 -9.33 -31.56
N VAL E 85 5.34 -10.20 -30.64
CA VAL E 85 4.63 -11.39 -30.24
C VAL E 85 4.69 -11.33 -28.73
N GLN E 86 3.52 -11.36 -28.06
CA GLN E 86 3.51 -11.16 -26.60
C GLN E 86 2.68 -12.15 -25.84
N LYS E 87 3.27 -12.71 -24.78
CA LYS E 87 2.57 -13.68 -23.94
C LYS E 87 1.50 -12.94 -23.16
N GLN E 88 0.29 -13.49 -23.18
CA GLN E 88 -0.86 -12.88 -22.54
C GLN E 88 -1.42 -13.78 -21.45
N LEU E 89 -1.54 -13.22 -20.26
CA LEU E 89 -2.10 -13.90 -19.11
C LEU E 89 -3.44 -13.24 -18.84
N ILE E 90 -4.50 -14.01 -19.04
CA ILE E 90 -5.90 -13.59 -18.90
C ILE E 90 -6.49 -13.92 -17.54
N ARG E 91 -7.09 -12.92 -16.87
CA ARG E 91 -7.73 -13.19 -15.58
C ARG E 91 -9.24 -13.20 -15.72
N ILE E 92 -9.86 -14.21 -15.13
CA ILE E 92 -11.30 -14.42 -15.18
C ILE E 92 -11.83 -14.87 -13.81
N SER E 93 -12.91 -14.26 -13.34
CA SER E 93 -13.51 -14.67 -12.08
C SER E 93 -14.88 -15.31 -12.28
N ALA E 94 -15.20 -16.24 -11.39
CA ALA E 94 -16.52 -16.87 -11.36
C ALA E 94 -16.99 -16.66 -9.91
N THR E 95 -18.07 -15.93 -9.73
CA THR E 95 -18.52 -15.62 -8.39
C THR E 95 -19.85 -16.26 -8.04
N VAL E 96 -19.83 -17.06 -6.99
CA VAL E 96 -21.03 -17.70 -6.48
C VAL E 96 -21.81 -16.71 -5.60
N ILE E 97 -23.14 -16.65 -5.77
CA ILE E 97 -24.01 -15.75 -5.02
C ILE E 97 -25.21 -16.56 -4.48
N VAL E 98 -25.17 -16.87 -3.18
CA VAL E 98 -26.16 -17.75 -2.52
C VAL E 98 -26.52 -17.23 -1.12
N PRO E 99 -27.81 -17.32 -0.73
CA PRO E 99 -28.20 -16.91 0.63
C PRO E 99 -27.43 -17.57 1.82
N GLN E 100 -27.27 -18.90 1.82
CA GLN E 100 -26.59 -19.61 2.93
C GLN E 100 -25.12 -19.82 2.69
N ILE E 101 -24.32 -19.66 3.76
CA ILE E 101 -22.88 -19.81 3.71
C ILE E 101 -22.43 -21.22 3.25
N SER E 102 -23.11 -22.25 3.74
CA SER E 102 -22.76 -23.62 3.40
C SER E 102 -23.08 -23.96 1.95
N ASP E 103 -24.16 -23.38 1.42
CA ASP E 103 -24.53 -23.59 0.03
C ASP E 103 -23.53 -22.91 -0.93
N ALA E 104 -23.06 -21.74 -0.55
CA ALA E 104 -22.06 -20.99 -1.32
C ALA E 104 -20.73 -21.76 -1.39
N ILE E 105 -20.34 -22.33 -0.26
CA ILE E 105 -19.11 -23.10 -0.14
C ILE E 105 -19.15 -24.37 -0.97
N ASN E 106 -20.28 -25.07 -0.93
CA ASN E 106 -20.50 -26.26 -1.75
C ASN E 106 -20.47 -25.89 -3.23
N ALA E 107 -21.03 -24.74 -3.58
CA ALA E 107 -21.06 -24.32 -5.00
C ALA E 107 -19.69 -23.89 -5.50
N LEU E 108 -18.85 -23.45 -4.58
CA LEU E 108 -17.50 -23.03 -4.89
C LEU E 108 -16.72 -24.30 -5.27
N ASP E 109 -16.97 -25.39 -4.54
CA ASP E 109 -16.37 -26.69 -4.83
C ASP E 109 -16.80 -27.18 -6.21
N ARG E 110 -18.07 -26.97 -6.55
CA ARG E 110 -18.61 -27.38 -7.86
C ARG E 110 -17.97 -26.57 -8.99
N LEU E 111 -17.73 -25.28 -8.77
CA LEU E 111 -17.04 -24.44 -9.76
C LEU E 111 -15.63 -24.94 -10.04
N ARG E 112 -14.85 -25.08 -8.99
CA ARG E 112 -13.47 -25.59 -9.08
C ARG E 112 -13.36 -26.96 -9.74
N ARG E 113 -14.26 -27.89 -9.39
CA ARG E 113 -14.23 -29.22 -10.01
C ARG E 113 -14.66 -29.19 -11.49
N SER E 114 -15.54 -28.25 -11.84
CA SER E 114 -16.00 -28.08 -13.20
C SER E 114 -14.96 -27.38 -14.08
N LEU E 115 -14.31 -26.35 -13.52
CA LEU E 115 -13.42 -25.49 -14.30
C LEU E 115 -11.92 -25.77 -14.36
N GLY E 116 -11.34 -26.27 -13.27
CA GLY E 116 -9.91 -26.54 -13.24
C GLY E 116 -9.41 -27.45 -14.34
N GLY E 117 -8.42 -26.98 -15.09
CA GLY E 117 -7.78 -27.78 -16.15
C GLY E 117 -8.49 -28.05 -17.48
N ILE E 118 -9.60 -27.34 -17.75
CA ILE E 118 -10.32 -27.55 -19.01
C ILE E 118 -9.61 -26.77 -20.10
N GLU E 119 -9.79 -27.19 -21.34
CA GLU E 119 -9.17 -26.51 -22.46
C GLU E 119 -9.99 -25.27 -22.85
N LEU E 120 -9.31 -24.29 -23.41
CA LEU E 120 -9.93 -23.06 -23.86
C LEU E 120 -9.53 -22.82 -25.32
N PRO E 121 -10.45 -22.26 -26.13
CA PRO E 121 -10.14 -22.02 -27.53
C PRO E 121 -9.00 -21.01 -27.74
N ASP E 122 -8.00 -21.41 -28.53
CA ASP E 122 -6.85 -20.57 -28.89
C ASP E 122 -5.95 -20.19 -27.72
N CYS E 123 -5.98 -21.01 -26.68
CA CYS E 123 -5.14 -20.82 -25.51
C CYS E 123 -4.04 -21.86 -25.55
N ASP E 124 -2.86 -21.51 -25.06
CA ASP E 124 -1.71 -22.42 -25.14
C ASP E 124 -1.54 -23.43 -23.99
N ARG E 125 -2.47 -23.42 -23.03
CA ARG E 125 -2.45 -24.37 -21.92
C ARG E 125 -3.85 -24.44 -21.32
N PRO E 126 -4.09 -25.40 -20.40
CA PRO E 126 -5.42 -25.50 -19.77
C PRO E 126 -5.71 -24.33 -18.84
N LEU E 127 -6.95 -24.24 -18.41
CA LEU E 127 -7.37 -23.23 -17.46
C LEU E 127 -6.79 -23.59 -16.09
N TRP E 128 -6.15 -22.62 -15.45
CA TRP E 128 -5.58 -22.82 -14.12
C TRP E 128 -6.32 -22.06 -13.02
N LEU E 129 -6.51 -22.69 -11.88
CA LEU E 129 -7.11 -21.99 -10.74
C LEU E 129 -6.02 -21.07 -10.16
N GLU E 130 -6.43 -19.89 -9.67
CA GLU E 130 -5.47 -18.92 -9.09
C GLU E 130 -5.72 -18.78 -7.60
N SER E 131 -6.97 -18.47 -7.27
CA SER E 131 -7.38 -18.29 -5.88
C SER E 131 -8.90 -18.31 -5.70
N GLU E 132 -9.30 -18.36 -4.44
CA GLU E 132 -10.70 -18.25 -4.03
C GLU E 132 -10.69 -17.20 -2.95
N LYS E 133 -11.70 -16.34 -2.99
CA LYS E 133 -11.82 -15.24 -2.06
C LYS E 133 -13.23 -15.04 -1.65
N TYR E 134 -13.40 -14.75 -0.36
CA TYR E 134 -14.69 -14.34 0.18
C TYR E 134 -14.92 -12.91 -0.32
N ILE E 135 -16.13 -12.65 -0.81
CA ILE E 135 -16.45 -11.33 -1.40
C ILE E 135 -17.24 -10.41 -0.47
N GLY E 136 -18.28 -10.96 0.15
CA GLY E 136 -19.13 -10.20 1.06
C GLY E 136 -20.47 -10.87 1.25
N ASP E 137 -21.36 -10.18 1.93
CA ASP E 137 -22.68 -10.71 2.22
C ASP E 137 -23.81 -9.69 1.91
N ALA E 138 -23.56 -8.81 0.96
CA ALA E 138 -24.51 -7.78 0.61
C ALA E 138 -25.88 -8.35 0.24
N ALA E 139 -26.92 -7.67 0.74
CA ALA E 139 -28.32 -7.98 0.48
C ALA E 139 -28.70 -9.40 0.91
N ASN E 140 -27.99 -9.90 1.93
CA ASN E 140 -28.18 -11.24 2.50
C ASN E 140 -27.86 -12.38 1.55
N PHE E 141 -26.91 -12.15 0.67
CA PHE E 141 -26.43 -13.18 -0.26
C PHE E 141 -24.95 -13.34 -0.01
N CYS E 142 -24.57 -14.55 0.32
CA CYS E 142 -23.19 -14.87 0.60
C CYS E 142 -22.48 -15.01 -0.72
N ARG E 143 -21.30 -14.39 -0.83
CA ARG E 143 -20.58 -14.33 -2.09
C ARG E 143 -19.13 -14.77 -2.01
N TYR E 144 -18.75 -15.70 -2.89
CA TYR E 144 -17.38 -16.19 -2.98
C TYR E 144 -16.95 -16.24 -4.43
N ALA E 145 -15.71 -15.84 -4.70
CA ALA E 145 -15.22 -15.82 -6.06
C ALA E 145 -14.08 -16.81 -6.29
N LEU E 146 -14.10 -17.47 -7.45
CA LEU E 146 -12.98 -18.27 -7.88
C LEU E 146 -12.29 -17.50 -9.00
N ASP E 147 -11.02 -17.16 -8.82
CA ASP E 147 -10.22 -16.44 -9.82
C ASP E 147 -9.37 -17.45 -10.58
N MET E 148 -9.37 -17.34 -11.89
CA MET E 148 -8.68 -18.29 -12.76
C MET E 148 -7.87 -17.60 -13.82
N THR E 149 -6.92 -18.33 -14.41
CA THR E 149 -6.11 -17.76 -15.47
C THR E 149 -6.01 -18.66 -16.70
N ALA E 150 -6.06 -18.01 -17.85
CA ALA E 150 -5.88 -18.64 -19.12
C ALA E 150 -4.63 -18.00 -19.67
N SER E 151 -4.01 -18.66 -20.65
CA SER E 151 -2.80 -18.11 -21.24
C SER E 151 -2.87 -18.23 -22.74
N THR E 152 -2.45 -17.18 -23.43
CA THR E 152 -2.43 -17.20 -24.88
C THR E 152 -1.28 -16.35 -25.39
N LEU E 153 -1.08 -16.41 -26.71
CA LEU E 153 -0.01 -15.70 -27.38
C LEU E 153 -0.60 -14.67 -28.34
N PHE E 154 -0.41 -13.38 -28.06
CA PHE E 154 -0.90 -12.34 -28.95
C PHE E 154 0.12 -12.12 -30.06
N ILE E 155 -0.35 -12.16 -31.30
CA ILE E 155 0.48 -12.00 -32.49
C ILE E 155 -0.02 -10.79 -33.23
N ALA E 156 0.85 -9.79 -33.37
CA ALA E 156 0.52 -8.55 -34.06
C ALA E 156 0.42 -8.73 -35.58
N GLU E 157 -0.46 -7.93 -36.20
CA GLU E 157 -0.58 -7.94 -37.66
C GLU E 157 0.59 -7.22 -38.31
N GLN E 158 1.00 -7.69 -39.49
CA GLN E 158 2.08 -7.05 -40.23
C GLN E 158 1.52 -5.96 -41.15
N ASN F 23 15.56 14.25 -35.27
CA ASN F 23 14.11 14.47 -34.95
C ASN F 23 13.62 13.89 -33.64
N ALA F 24 13.31 14.79 -32.71
CA ALA F 24 12.80 14.41 -31.42
C ALA F 24 11.31 14.08 -31.51
N MET F 25 10.86 13.19 -30.64
CA MET F 25 9.47 12.80 -30.60
C MET F 25 8.54 13.93 -30.16
N GLU F 26 7.38 13.99 -30.80
CA GLU F 26 6.34 14.90 -30.44
C GLU F 26 5.26 13.98 -29.84
N THR F 27 5.02 14.11 -28.54
CA THR F 27 4.08 13.25 -27.84
C THR F 27 2.69 13.26 -28.50
N LEU F 28 2.20 14.44 -28.83
CA LEU F 28 0.88 14.54 -29.44
C LEU F 28 0.81 13.74 -30.75
N SER F 29 1.88 13.75 -31.54
CA SER F 29 1.95 12.96 -32.78
C SER F 29 1.73 11.47 -32.52
N VAL F 30 2.30 10.97 -31.43
CA VAL F 30 2.16 9.57 -31.06
C VAL F 30 0.69 9.26 -30.75
N ILE F 31 0.05 10.16 -30.03
CA ILE F 31 -1.38 10.04 -29.69
C ILE F 31 -2.24 10.14 -30.98
N HIS F 32 -1.90 11.08 -31.86
CA HIS F 32 -2.63 11.24 -33.13
C HIS F 32 -2.52 9.98 -33.99
N THR F 33 -1.31 9.40 -34.05
CA THR F 33 -1.06 8.18 -34.82
C THR F 33 -1.93 7.01 -34.30
N VAL F 34 -1.96 6.79 -32.99
CA VAL F 34 -2.82 5.78 -32.36
C VAL F 34 -4.32 6.05 -32.69
N ALA F 35 -4.76 7.29 -32.50
CA ALA F 35 -6.15 7.68 -32.82
C ALA F 35 -6.49 7.52 -34.30
N ASN F 36 -5.61 7.96 -35.18
CA ASN F 36 -5.87 7.86 -36.60
C ASN F 36 -5.93 6.41 -37.08
N ARG F 37 -5.01 5.59 -36.56
CA ARG F 37 -4.94 4.18 -36.90
C ARG F 37 -6.26 3.54 -36.51
N LEU F 38 -6.74 3.86 -35.31
CA LEU F 38 -8.02 3.38 -34.82
C LEU F 38 -9.22 3.77 -35.66
N ARG F 39 -9.26 5.03 -36.10
CA ARG F 39 -10.37 5.50 -36.93
C ARG F 39 -10.43 4.79 -38.27
N GLU F 40 -9.29 4.73 -38.95
CA GLU F 40 -9.18 4.08 -40.27
C GLU F 40 -9.58 2.62 -40.28
N LEU F 41 -9.19 1.88 -39.25
CA LEU F 41 -9.51 0.45 -39.17
C LEU F 41 -10.86 0.19 -38.50
N ASN F 42 -11.42 1.18 -37.81
CA ASN F 42 -12.70 1.01 -37.13
C ASN F 42 -13.66 2.18 -37.41
N PRO F 43 -14.16 2.31 -38.66
CA PRO F 43 -14.99 3.46 -39.01
C PRO F 43 -16.27 3.63 -38.17
N ASP F 44 -16.77 2.54 -37.59
CA ASP F 44 -17.97 2.60 -36.76
C ASP F 44 -17.67 3.07 -35.31
N MET F 45 -16.41 3.27 -34.97
CA MET F 45 -16.08 3.75 -33.63
C MET F 45 -16.03 5.28 -33.56
N ASP F 46 -16.32 5.81 -32.37
CA ASP F 46 -16.28 7.24 -32.08
C ASP F 46 -15.03 7.45 -31.20
N ILE F 47 -13.93 7.87 -31.84
CA ILE F 47 -12.64 7.99 -31.15
C ILE F 47 -12.25 9.41 -30.75
N HIS F 48 -12.01 9.60 -29.45
CA HIS F 48 -11.68 10.91 -28.91
C HIS F 48 -10.35 10.97 -28.16
N ILE F 49 -9.82 12.18 -28.08
CA ILE F 49 -8.68 12.52 -27.27
C ILE F 49 -9.30 13.59 -26.37
N SER F 50 -9.87 13.14 -25.26
CA SER F 50 -10.61 14.01 -24.37
C SER F 50 -9.88 14.44 -23.10
N SER F 51 -10.36 15.53 -22.50
CA SER F 51 -9.83 16.04 -21.25
C SER F 51 -10.65 15.44 -20.10
N THR F 52 -11.60 14.58 -20.45
CA THR F 52 -12.48 13.91 -19.47
C THR F 52 -11.97 12.50 -19.23
N ASP F 53 -11.93 12.08 -17.98
CA ASP F 53 -11.49 10.74 -17.60
C ASP F 53 -12.44 9.69 -18.16
N ALA F 54 -11.87 8.63 -18.74
CA ALA F 54 -12.67 7.56 -19.34
C ALA F 54 -13.50 6.77 -18.34
N LYS F 55 -13.21 6.97 -17.05
CA LYS F 55 -13.98 6.30 -16.01
C LYS F 55 -15.39 6.93 -15.87
N VAL F 56 -15.50 8.23 -16.13
CA VAL F 56 -16.78 8.95 -15.98
C VAL F 56 -17.49 9.38 -17.28
N TYR F 57 -16.72 9.65 -18.33
CA TYR F 57 -17.25 10.11 -19.62
C TYR F 57 -18.56 9.43 -20.03
N ILE F 58 -19.58 10.23 -20.34
CA ILE F 58 -20.86 9.70 -20.80
C ILE F 58 -20.99 10.01 -22.28
N PRO F 59 -20.94 8.97 -23.13
CA PRO F 59 -21.05 9.14 -24.58
C PRO F 59 -22.39 9.68 -25.05
N THR F 60 -22.34 10.54 -26.07
CA THR F 60 -23.53 11.09 -26.69
C THR F 60 -23.65 10.43 -28.06
N GLY F 61 -24.18 9.21 -28.04
CA GLY F 61 -24.34 8.40 -29.24
C GLY F 61 -24.51 6.93 -28.89
N GLN F 62 -24.69 6.11 -29.92
CA GLN F 62 -24.94 4.68 -29.71
C GLN F 62 -23.71 3.84 -30.08
N GLN F 63 -22.79 4.45 -30.85
CA GLN F 63 -21.57 3.79 -31.31
C GLN F 63 -20.63 3.32 -30.18
N VAL F 64 -19.56 2.63 -30.58
CA VAL F 64 -18.52 2.24 -29.64
C VAL F 64 -17.66 3.48 -29.47
N THR F 65 -17.51 3.94 -28.24
CA THR F 65 -16.72 5.11 -27.94
C THR F 65 -15.36 4.70 -27.37
N VAL F 66 -14.30 5.31 -27.89
CA VAL F 66 -12.96 5.03 -27.41
C VAL F 66 -12.23 6.33 -27.09
N LEU F 67 -11.79 6.47 -25.85
CA LEU F 67 -11.03 7.66 -25.44
C LEU F 67 -9.55 7.34 -25.34
N ILE F 68 -8.73 8.12 -26.04
CA ILE F 68 -7.28 7.93 -26.04
C ILE F 68 -6.69 8.88 -25.02
N HIS F 69 -5.72 8.42 -24.24
CA HIS F 69 -5.14 9.23 -23.16
C HIS F 69 -3.65 8.99 -22.97
N TYR F 70 -2.92 10.09 -22.78
CA TYR F 70 -1.49 10.01 -22.52
C TYR F 70 -1.33 9.96 -21.00
N CYS F 71 -0.97 8.79 -20.48
CA CYS F 71 -0.86 8.63 -19.03
C CYS F 71 0.38 9.31 -18.46
N GLY F 72 1.51 9.14 -19.14
CA GLY F 72 2.75 9.74 -18.67
C GLY F 72 4.00 9.01 -19.15
N SER F 73 5.14 9.37 -18.58
CA SER F 73 6.40 8.78 -18.98
C SER F 73 7.30 8.61 -17.79
N VAL F 74 8.25 7.70 -17.95
CA VAL F 74 9.29 7.45 -16.98
C VAL F 74 10.58 7.56 -17.81
N PHE F 75 11.59 8.21 -17.26
CA PHE F 75 12.89 8.36 -17.92
C PHE F 75 13.93 7.63 -17.10
N ALA F 76 14.71 6.78 -17.74
CA ALA F 76 15.78 6.07 -17.04
C ALA F 76 16.90 7.08 -16.89
N GLU F 77 17.82 6.84 -15.97
CA GLU F 77 18.97 7.71 -15.77
C GLU F 77 19.91 7.59 -16.97
N PRO F 78 20.68 8.64 -17.28
CA PRO F 78 21.71 8.48 -18.29
C PRO F 78 22.63 7.32 -17.85
N GLU F 79 23.10 6.52 -18.80
CA GLU F 79 23.89 5.31 -18.48
C GLU F 79 25.41 5.48 -18.33
N ASN F 80 25.81 6.28 -17.33
CA ASN F 80 27.23 6.59 -17.02
C ASN F 80 27.89 7.36 -18.14
N THR F 81 27.12 8.20 -18.82
CA THR F 81 27.64 8.97 -19.93
C THR F 81 27.73 10.44 -19.57
N ASP F 82 28.70 11.13 -20.17
CA ASP F 82 28.89 12.58 -19.99
C ASP F 82 27.67 13.38 -20.48
N ALA F 83 27.06 12.90 -21.56
CA ALA F 83 25.87 13.54 -22.14
C ALA F 83 24.62 13.11 -21.42
N THR F 84 23.65 14.02 -21.35
CA THR F 84 22.40 13.71 -20.72
C THR F 84 21.46 13.14 -21.78
N VAL F 85 21.49 11.81 -21.86
CA VAL F 85 20.70 11.03 -22.80
C VAL F 85 19.86 10.07 -21.95
N GLN F 86 18.54 10.17 -22.05
CA GLN F 86 17.66 9.37 -21.20
C GLN F 86 16.60 8.57 -21.96
N LYS F 87 16.56 7.27 -21.67
CA LYS F 87 15.58 6.37 -22.27
C LYS F 87 14.19 6.65 -21.71
N GLN F 88 13.22 6.87 -22.59
CA GLN F 88 11.85 7.22 -22.20
C GLN F 88 10.81 6.17 -22.56
N LEU F 89 10.06 5.73 -21.54
CA LEU F 89 8.99 4.76 -21.71
C LEU F 89 7.69 5.55 -21.56
N ILE F 90 6.90 5.59 -22.63
CA ILE F 90 5.65 6.37 -22.72
C ILE F 90 4.44 5.46 -22.48
N ARG F 91 3.51 5.88 -21.62
CA ARG F 91 2.31 5.08 -21.37
C ARG F 91 1.09 5.77 -21.95
N ILE F 92 0.32 4.98 -22.68
CA ILE F 92 -0.87 5.42 -23.36
C ILE F 92 -2.02 4.42 -23.18
N SER F 93 -3.23 4.93 -22.97
CA SER F 93 -4.40 4.05 -22.84
C SER F 93 -5.48 4.34 -23.89
N ALA F 94 -6.26 3.31 -24.20
CA ALA F 94 -7.38 3.46 -25.10
C ALA F 94 -8.50 2.81 -24.32
N THR F 95 -9.50 3.57 -23.90
CA THR F 95 -10.59 2.99 -23.13
C THR F 95 -11.90 2.86 -23.93
N VAL F 96 -12.47 1.66 -23.97
CA VAL F 96 -13.75 1.46 -24.62
C VAL F 96 -14.85 1.76 -23.62
N ILE F 97 -15.89 2.42 -24.10
CA ILE F 97 -17.03 2.80 -23.29
C ILE F 97 -18.26 2.37 -24.11
N VAL F 98 -18.89 1.28 -23.69
CA VAL F 98 -20.00 0.66 -24.44
C VAL F 98 -21.04 0.13 -23.45
N PRO F 99 -22.35 0.32 -23.72
CA PRO F 99 -23.40 -0.11 -22.78
C PRO F 99 -23.38 -1.58 -22.33
N GLN F 100 -23.23 -2.51 -23.26
CA GLN F 100 -23.18 -3.94 -22.92
C GLN F 100 -21.79 -4.58 -22.97
N ILE F 101 -21.48 -5.36 -21.93
CA ILE F 101 -20.15 -6.01 -21.77
C ILE F 101 -19.66 -6.86 -22.94
N SER F 102 -20.57 -7.61 -23.52
CA SER F 102 -20.27 -8.45 -24.65
C SER F 102 -19.60 -7.61 -25.72
N ASP F 103 -20.20 -6.45 -26.00
CA ASP F 103 -19.70 -5.52 -26.99
C ASP F 103 -18.41 -4.78 -26.58
N ALA F 104 -18.24 -4.55 -25.29
CA ALA F 104 -17.03 -3.90 -24.76
C ALA F 104 -15.83 -4.84 -24.97
N ILE F 105 -16.04 -6.11 -24.67
CA ILE F 105 -15.02 -7.13 -24.84
C ILE F 105 -14.66 -7.28 -26.32
N ASN F 106 -15.68 -7.33 -27.19
CA ASN F 106 -15.42 -7.42 -28.63
C ASN F 106 -14.62 -6.22 -29.15
N ALA F 107 -15.00 -5.02 -28.72
CA ALA F 107 -14.29 -3.80 -29.14
C ALA F 107 -12.86 -3.76 -28.62
N LEU F 108 -12.66 -4.33 -27.42
CA LEU F 108 -11.36 -4.42 -26.80
C LEU F 108 -10.45 -5.32 -27.66
N ASP F 109 -11.00 -6.43 -28.15
CA ASP F 109 -10.25 -7.33 -29.06
C ASP F 109 -9.82 -6.58 -30.31
N ARG F 110 -10.72 -5.72 -30.83
CA ARG F 110 -10.44 -4.91 -32.02
C ARG F 110 -9.33 -3.88 -31.78
N LEU F 111 -9.28 -3.31 -30.59
CA LEU F 111 -8.22 -2.36 -30.25
C LEU F 111 -6.85 -3.01 -30.25
N ARG F 112 -6.77 -4.22 -29.68
CA ARG F 112 -5.52 -4.97 -29.67
C ARG F 112 -4.99 -5.18 -31.07
N ARG F 113 -5.83 -5.81 -31.87
CA ARG F 113 -5.57 -6.14 -33.26
C ARG F 113 -5.18 -4.88 -34.06
N SER F 114 -5.82 -3.77 -33.77
CA SER F 114 -5.53 -2.52 -34.48
C SER F 114 -4.22 -1.85 -34.08
N LEU F 115 -3.93 -1.83 -32.79
CA LEU F 115 -2.79 -1.06 -32.29
C LEU F 115 -1.52 -1.80 -31.98
N GLY F 116 -1.63 -3.06 -31.56
CA GLY F 116 -0.44 -3.83 -31.21
C GLY F 116 0.56 -3.95 -32.33
N GLY F 117 1.82 -3.66 -32.02
CA GLY F 117 2.92 -3.79 -32.96
C GLY F 117 3.05 -2.71 -34.02
N ILE F 118 2.28 -1.63 -33.90
CA ILE F 118 2.38 -0.58 -34.92
C ILE F 118 3.58 0.33 -34.74
N GLU F 119 3.96 0.92 -35.85
CA GLU F 119 5.06 1.82 -35.93
C GLU F 119 4.55 3.19 -35.50
N LEU F 120 5.35 3.88 -34.69
CA LEU F 120 5.03 5.19 -34.15
C LEU F 120 6.14 6.15 -34.53
N PRO F 121 5.79 7.40 -34.86
CA PRO F 121 6.80 8.36 -35.32
C PRO F 121 7.85 8.73 -34.26
N ASP F 122 9.12 8.66 -34.66
CA ASP F 122 10.28 9.01 -33.82
C ASP F 122 10.44 8.14 -32.56
N CYS F 123 9.90 6.91 -32.61
CA CYS F 123 10.03 5.92 -31.54
C CYS F 123 11.03 4.82 -31.92
N ASP F 124 11.74 4.26 -30.94
CA ASP F 124 12.80 3.29 -31.25
C ASP F 124 12.38 1.81 -31.32
N ARG F 125 11.08 1.56 -31.29
CA ARG F 125 10.52 0.21 -31.38
C ARG F 125 9.01 0.30 -31.67
N PRO F 126 8.38 -0.80 -32.11
CA PRO F 126 6.92 -0.72 -32.29
C PRO F 126 6.11 -0.52 -30.98
N LEU F 127 4.85 -0.16 -31.13
CA LEU F 127 3.95 0.01 -30.01
C LEU F 127 3.76 -1.36 -29.34
N TRP F 128 3.83 -1.40 -28.02
CA TRP F 128 3.66 -2.65 -27.29
C TRP F 128 2.44 -2.63 -26.37
N LEU F 129 1.81 -3.79 -26.21
CA LEU F 129 0.68 -3.91 -25.33
C LEU F 129 1.25 -4.11 -23.93
N GLU F 130 0.57 -3.60 -22.92
CA GLU F 130 1.06 -3.72 -21.55
C GLU F 130 0.04 -4.49 -20.69
N SER F 131 -1.21 -4.04 -20.69
CA SER F 131 -2.26 -4.68 -19.91
C SER F 131 -3.67 -4.22 -20.29
N GLU F 132 -4.67 -5.02 -19.91
CA GLU F 132 -6.07 -4.66 -20.09
C GLU F 132 -6.71 -4.76 -18.73
N LYS F 133 -7.61 -3.83 -18.44
CA LYS F 133 -8.31 -3.82 -17.16
C LYS F 133 -9.73 -3.25 -17.19
N TYR F 134 -10.59 -3.89 -16.42
CA TYR F 134 -11.96 -3.45 -16.24
C TYR F 134 -11.89 -2.15 -15.44
N ILE F 135 -12.54 -1.12 -15.96
CA ILE F 135 -12.51 0.18 -15.33
C ILE F 135 -13.77 0.59 -14.57
N GLY F 136 -14.90 -0.04 -14.89
CA GLY F 136 -16.15 0.26 -14.20
C GLY F 136 -17.35 0.24 -15.12
N ASP F 137 -18.48 0.73 -14.62
CA ASP F 137 -19.74 0.73 -15.34
C ASP F 137 -20.55 2.00 -15.08
N ALA F 138 -19.86 3.13 -14.99
CA ALA F 138 -20.52 4.41 -14.70
C ALA F 138 -21.50 4.82 -15.78
N ALA F 139 -22.63 5.37 -15.34
CA ALA F 139 -23.71 5.83 -16.21
C ALA F 139 -24.22 4.70 -17.10
N ASN F 140 -24.00 3.47 -16.64
CA ASN F 140 -24.42 2.27 -17.33
C ASN F 140 -23.75 2.01 -18.69
N PHE F 141 -22.45 2.29 -18.74
CA PHE F 141 -21.58 2.02 -19.88
C PHE F 141 -20.41 1.22 -19.33
N CYS F 142 -20.21 0.00 -19.83
CA CYS F 142 -19.09 -0.85 -19.40
C CYS F 142 -17.80 -0.22 -19.93
N ARG F 143 -16.74 -0.27 -19.12
CA ARG F 143 -15.48 0.40 -19.48
C ARG F 143 -14.24 -0.46 -19.28
N TYR F 144 -13.53 -0.72 -20.37
CA TYR F 144 -12.28 -1.47 -20.33
C TYR F 144 -11.18 -0.66 -20.98
N ALA F 145 -10.01 -0.66 -20.35
CA ALA F 145 -8.87 0.06 -20.90
C ALA F 145 -7.77 -0.85 -21.41
N LEU F 146 -7.13 -0.42 -22.47
CA LEU F 146 -5.96 -1.11 -22.99
C LEU F 146 -4.84 -0.13 -22.76
N ASP F 147 -3.89 -0.52 -21.92
CA ASP F 147 -2.73 0.28 -21.62
C ASP F 147 -1.64 -0.19 -22.57
N MET F 148 -0.90 0.74 -23.15
CA MET F 148 0.15 0.43 -24.12
C MET F 148 1.40 1.23 -23.86
N THR F 149 2.53 0.79 -24.39
CA THR F 149 3.75 1.57 -24.21
C THR F 149 4.51 1.83 -25.49
N ALA F 150 5.05 3.04 -25.58
CA ALA F 150 5.89 3.45 -26.68
C ALA F 150 7.29 3.71 -26.10
N SER F 151 8.28 3.84 -26.95
CA SER F 151 9.63 4.05 -26.45
C SER F 151 10.43 4.98 -27.34
N THR F 152 11.16 5.89 -26.70
CA THR F 152 12.01 6.82 -27.42
C THR F 152 13.21 7.24 -26.56
N LEU F 153 14.13 7.93 -27.22
CA LEU F 153 15.34 8.38 -26.58
C LEU F 153 15.32 9.91 -26.40
N PHE F 154 15.24 10.38 -25.17
CA PHE F 154 15.31 11.81 -24.95
C PHE F 154 16.77 12.26 -24.97
N ILE F 155 17.05 13.28 -25.79
CA ILE F 155 18.40 13.78 -25.94
C ILE F 155 18.44 15.25 -25.56
N ALA F 156 19.15 15.57 -24.48
CA ALA F 156 19.25 16.96 -24.02
C ALA F 156 20.03 17.86 -24.97
N GLU F 157 19.55 19.10 -25.08
CA GLU F 157 20.24 20.13 -25.84
C GLU F 157 21.52 20.42 -25.07
N GLN F 158 22.62 20.59 -25.80
CA GLN F 158 23.91 20.90 -25.21
C GLN F 158 24.08 22.42 -25.17
#